data_7KX7
#
_entry.id   7KX7
#
_cell.length_a   1.00
_cell.length_b   1.00
_cell.length_c   1.00
_cell.angle_alpha   90.00
_cell.angle_beta   90.00
_cell.angle_gamma   90.00
#
_symmetry.space_group_name_H-M   'P 1'
#
loop_
_entity.id
_entity.type
_entity.pdbx_description
1 polymer Piwi-A
2 polymer "RNA (5'-R(P*UP*CP*UP*CP*AP*GP*(OMC))-3')"
3 non-polymer 'MAGNESIUM ION'
#
loop_
_entity_poly.entity_id
_entity_poly.type
_entity_poly.pdbx_seq_one_letter_code
_entity_poly.pdbx_strand_id
1 'polypeptide(L)'
;SLNVESSMVSQRGSSGQPVPVSANYLPLKGNMDGVFKYAVGFNPPVEDIRSRSQLLNEHKELIGLTRVFDGSTLYVPKRI
CEQRLDLMSTRQTDGASIKVTISLVDSVKNRDVVQLMNVIFKRILRSLKLQRIGRDYYDANSPLEVPQHKMQLWPGYVTA
INRHEGGLMLVLDVSHRVMKTDTALDFLYELYHFNQDKFREEAFKQLVGSVVLTRYNNRTYEIDDIAWDKNPRCAFQDHA
GSQITFVDYYKRAYDLDITDLEQPLLIHRPKKKQRGKQDEGRKEVEEMVCLVPELCAMTGLTDAARSDFKVMKDLAVHTR
VPPEKRAESFRKFIQRLNTTKEASELLHSWGLVLDSRMLDMQGRRLPPEKILFKHSSIVANMEADWSRECLKEHVISAVS
LLDWAVLFVRKDQGKATDFVNMLSKVCPPIGMEVHEPKMVEVVNDRTESYLRALRELIAPRLQMVVIVFPTSRDDRYSAV
KKLCCIESPIPSQVLIARTITQQQKLRSVAQKVALQMNAKLGGELWAVEIPLKSCMVVGIDVYHDKSYGNKSIAGFVAST
NPSFTRWYSRTAMQEQSQELIHELKLCMQAALKKYNEMNQSLPERIIVFRDGVGEGREEYVSEFEVPQFNSCFSIFGENY
CPKLAVVVVQKRITTRIFGRSGHSYDNPPPGVIVDHTITKSYDFYLVSQHVRQGTVSPTYYRVIYDKSGLKPDHLQRLTY
KLTHMYYNWPGTIRTPAPCNYAHKLAFLVGKSLHRDPAHELSDRLFFL
;
A
2 'polyribonucleotide' UCUCUUGAGUUGGACAAAUGGCAG(OMC) B
#
loop_
_chem_comp.id
_chem_comp.type
_chem_comp.name
_chem_comp.formula
A RNA linking ADENOSINE-5'-MONOPHOSPHATE 'C10 H14 N5 O7 P'
C RNA linking CYTIDINE-5'-MONOPHOSPHATE 'C9 H14 N3 O8 P'
G RNA linking GUANOSINE-5'-MONOPHOSPHATE 'C10 H14 N5 O8 P'
MG non-polymer 'MAGNESIUM ION' 'Mg 2'
OMC RNA linking O2'-METHYLYCYTIDINE-5'-MONOPHOSPHATE 'C10 H16 N3 O8 P'
U RNA linking URIDINE-5'-MONOPHOSPHATE 'C9 H13 N2 O9 P'
#
# COMPACT_ATOMS: atom_id res chain seq x y z
N SER A 10 -25.36 -12.96 12.25
CA SER A 10 -24.03 -13.48 12.56
C SER A 10 -22.94 -12.76 11.78
N GLN A 11 -21.73 -12.74 12.33
CA GLN A 11 -20.59 -12.18 11.62
C GLN A 11 -20.28 -13.00 10.37
N ARG A 12 -20.43 -14.31 10.44
CA ARG A 12 -20.09 -15.20 9.33
C ARG A 12 -21.28 -15.25 8.36
N GLY A 13 -21.13 -14.59 7.22
CA GLY A 13 -22.15 -14.65 6.20
C GLY A 13 -22.23 -16.02 5.55
N SER A 14 -23.41 -16.33 5.03
CA SER A 14 -23.66 -17.54 4.27
C SER A 14 -23.46 -17.26 2.79
N SER A 15 -23.97 -18.13 1.92
CA SER A 15 -24.01 -17.93 0.48
C SER A 15 -22.60 -17.83 -0.12
N GLY A 16 -21.92 -18.95 -0.05
CA GLY A 16 -20.66 -19.15 -0.78
C GLY A 16 -20.48 -20.61 -1.11
N GLN A 17 -19.23 -21.04 -1.15
CA GLN A 17 -18.88 -22.45 -1.26
C GLN A 17 -17.68 -22.73 -0.39
N PRO A 18 -17.80 -23.60 0.60
CA PRO A 18 -16.70 -23.77 1.56
C PRO A 18 -15.48 -24.41 0.93
N VAL A 19 -14.44 -23.62 0.68
CA VAL A 19 -13.17 -24.12 0.16
C VAL A 19 -12.17 -24.13 1.29
N PRO A 20 -11.49 -25.24 1.55
CA PRO A 20 -10.49 -25.25 2.63
C PRO A 20 -9.33 -24.33 2.30
N VAL A 21 -9.18 -23.27 3.10
CA VAL A 21 -8.12 -22.30 2.94
C VAL A 21 -7.18 -22.43 4.14
N SER A 22 -6.08 -21.70 4.09
CA SER A 22 -5.10 -21.76 5.16
C SER A 22 -4.23 -20.52 5.11
N ALA A 23 -4.29 -19.70 6.15
CA ALA A 23 -3.58 -18.45 6.20
C ALA A 23 -2.25 -18.61 6.92
N ASN A 24 -1.42 -17.57 6.85
CA ASN A 24 -0.10 -17.64 7.47
C ASN A 24 -0.13 -17.02 8.87
N TYR A 25 -0.92 -17.64 9.74
CA TYR A 25 -1.01 -17.22 11.13
C TYR A 25 -0.72 -18.40 12.03
N LEU A 26 0.02 -18.15 13.10
CA LEU A 26 0.40 -19.18 14.05
C LEU A 26 -0.24 -18.91 15.41
N PRO A 27 -1.09 -19.80 15.90
CA PRO A 27 -1.74 -19.54 17.19
C PRO A 27 -0.83 -19.73 18.38
N LEU A 28 -0.46 -18.64 19.04
CA LEU A 28 0.32 -18.73 20.26
C LEU A 28 -0.52 -19.37 21.36
N LYS A 29 0.13 -20.15 22.22
CA LYS A 29 -0.58 -20.85 23.28
C LYS A 29 -1.14 -19.85 24.27
N GLY A 30 -2.46 -19.71 24.29
CA GLY A 30 -3.12 -18.71 25.11
C GLY A 30 -3.22 -19.07 26.58
N ASN A 31 -2.08 -19.47 27.17
CA ASN A 31 -2.01 -19.80 28.59
C ASN A 31 -0.86 -19.06 29.29
N MET A 32 -0.76 -17.75 29.06
CA MET A 32 0.35 -16.94 29.59
C MET A 32 -0.10 -16.22 30.87
N ASP A 33 -0.22 -17.00 31.93
CA ASP A 33 -0.51 -16.43 33.23
C ASP A 33 0.79 -16.33 34.04
N GLY A 34 0.70 -15.86 35.27
CA GLY A 34 1.90 -15.60 36.05
C GLY A 34 2.79 -14.55 35.43
N VAL A 35 2.20 -13.58 34.74
CA VAL A 35 2.96 -12.56 34.02
C VAL A 35 2.69 -11.23 34.67
N PHE A 36 2.54 -11.23 35.99
CA PHE A 36 2.17 -10.06 36.78
C PHE A 36 2.96 -8.84 36.35
N LYS A 37 2.25 -7.82 35.89
CA LYS A 37 2.90 -6.55 35.58
C LYS A 37 3.27 -5.85 36.89
N TYR A 38 4.38 -5.14 36.87
CA TYR A 38 4.88 -4.46 38.05
C TYR A 38 5.08 -2.98 37.75
N ALA A 39 5.50 -2.24 38.77
CA ALA A 39 5.81 -0.82 38.60
C ALA A 39 6.93 -0.45 39.55
N VAL A 40 7.71 0.56 39.16
CA VAL A 40 8.84 1.02 39.95
C VAL A 40 8.70 2.51 40.14
N GLY A 41 9.07 2.99 41.33
CA GLY A 41 9.00 4.41 41.65
C GLY A 41 10.29 4.91 42.24
N PHE A 42 10.84 5.97 41.68
CA PHE A 42 12.09 6.52 42.15
C PHE A 42 11.89 7.94 42.65
N ASN A 43 12.08 8.14 43.96
CA ASN A 43 12.02 9.52 44.43
C ASN A 43 13.17 10.39 43.93
N PRO A 44 14.33 9.87 43.51
CA PRO A 44 15.14 10.61 42.56
C PRO A 44 14.71 10.30 41.14
N PRO A 45 14.07 11.26 40.47
CA PRO A 45 13.53 10.99 39.11
C PRO A 45 14.53 11.23 37.98
N VAL A 46 15.45 10.28 37.80
CA VAL A 46 16.40 10.38 36.70
C VAL A 46 15.68 10.13 35.38
N GLU A 47 15.89 11.04 34.42
CA GLU A 47 15.11 11.04 33.18
C GLU A 47 15.86 10.30 32.07
N ASP A 48 16.11 9.01 32.33
CA ASP A 48 16.73 8.13 31.34
C ASP A 48 16.32 6.71 31.64
N ILE A 49 15.64 6.06 30.70
CA ILE A 49 15.23 4.67 30.90
C ILE A 49 16.44 3.75 30.98
N ARG A 50 17.45 3.99 30.15
CA ARG A 50 18.65 3.15 30.18
C ARG A 50 19.39 3.31 31.50
N SER A 51 19.49 4.53 32.03
CA SER A 51 20.12 4.73 33.32
C SER A 51 19.32 4.06 34.44
N ARG A 52 17.99 4.13 34.38
CA ARG A 52 17.17 3.46 35.39
C ARG A 52 17.36 1.95 35.34
N SER A 53 17.39 1.38 34.14
CA SER A 53 17.61 -0.04 33.98
C SER A 53 18.98 -0.44 34.51
N GLN A 54 20.01 0.35 34.22
CA GLN A 54 21.34 0.08 34.75
C GLN A 54 21.35 0.19 36.27
N LEU A 55 20.64 1.17 36.82
CA LEU A 55 20.59 1.35 38.27
C LEU A 55 19.96 0.13 38.95
N LEU A 56 18.89 -0.40 38.37
CA LEU A 56 18.26 -1.59 38.92
C LEU A 56 18.98 -2.88 38.50
N ASN A 57 19.94 -2.78 37.58
CA ASN A 57 20.64 -3.97 37.11
C ASN A 57 21.42 -4.67 38.21
N GLU A 58 21.86 -3.92 39.22
CA GLU A 58 22.53 -4.56 40.35
C GLU A 58 21.58 -5.44 41.13
N HIS A 59 20.28 -5.33 40.89
CA HIS A 59 19.27 -6.17 41.53
C HIS A 59 18.61 -7.13 40.55
N LYS A 60 19.30 -7.43 39.44
CA LYS A 60 18.74 -8.37 38.47
C LYS A 60 18.72 -9.80 39.01
N GLU A 61 19.64 -10.12 39.92
CA GLU A 61 19.70 -11.48 40.47
C GLU A 61 18.43 -11.85 41.21
N LEU A 62 17.70 -10.85 41.73
CA LEU A 62 16.48 -11.14 42.45
C LEU A 62 15.35 -11.57 41.52
N ILE A 63 15.51 -11.38 40.22
CA ILE A 63 14.46 -11.66 39.24
C ILE A 63 14.90 -12.71 38.23
N GLY A 64 15.95 -12.41 37.47
CA GLY A 64 16.43 -13.28 36.41
C GLY A 64 16.52 -12.54 35.10
N LEU A 65 17.04 -13.24 34.09
CA LEU A 65 17.16 -12.65 32.76
C LEU A 65 15.79 -12.35 32.16
N THR A 66 14.75 -13.01 32.66
CA THR A 66 13.41 -12.94 32.07
C THR A 66 12.64 -11.79 32.71
N ARG A 67 12.95 -10.59 32.26
CA ARG A 67 12.28 -9.39 32.76
C ARG A 67 12.11 -8.41 31.62
N VAL A 68 11.09 -7.55 31.71
CA VAL A 68 10.88 -6.47 30.77
C VAL A 68 10.64 -5.21 31.58
N PHE A 69 11.63 -4.34 31.61
CA PHE A 69 11.55 -3.05 32.31
C PHE A 69 11.49 -1.96 31.26
N ASP A 70 10.28 -1.53 30.92
CA ASP A 70 10.09 -0.46 29.94
C ASP A 70 10.01 0.91 30.60
N GLY A 71 11.00 1.21 31.43
CA GLY A 71 11.07 2.52 32.07
C GLY A 71 10.25 2.66 33.32
N SER A 72 9.02 2.20 33.28
CA SER A 72 8.15 2.38 34.45
C SER A 72 7.57 1.08 34.97
N THR A 73 7.19 0.15 34.10
CA THR A 73 6.60 -1.11 34.50
C THR A 73 7.65 -2.21 34.46
N LEU A 74 7.25 -3.39 34.93
CA LEU A 74 8.11 -4.56 34.91
C LEU A 74 7.24 -5.78 34.69
N TYR A 75 7.63 -6.60 33.71
CA TYR A 75 6.92 -7.83 33.39
C TYR A 75 7.80 -9.00 33.76
N VAL A 76 7.27 -9.92 34.56
CA VAL A 76 8.05 -11.04 35.07
C VAL A 76 7.23 -12.31 34.96
N PRO A 77 7.84 -13.44 34.57
CA PRO A 77 7.06 -14.68 34.44
C PRO A 77 6.92 -15.43 35.74
N LYS A 78 7.23 -14.78 36.86
CA LYS A 78 7.10 -15.43 38.15
C LYS A 78 6.89 -14.37 39.23
N ARG A 79 6.16 -14.72 40.29
CA ARG A 79 5.90 -13.77 41.40
C ARG A 79 7.17 -12.99 41.74
N ILE A 80 7.06 -11.65 41.82
CA ILE A 80 8.22 -10.81 42.22
C ILE A 80 8.55 -11.12 43.67
N CYS A 81 9.78 -10.89 44.11
CA CYS A 81 10.17 -11.31 45.48
C CYS A 81 9.28 -10.64 46.53
N GLU A 82 9.00 -9.34 46.39
CA GLU A 82 8.06 -8.70 47.34
C GLU A 82 7.38 -7.48 46.70
N GLN A 83 6.04 -7.50 46.63
CA GLN A 83 5.25 -6.45 46.00
C GLN A 83 5.19 -5.17 46.85
N ARG A 84 5.92 -5.13 47.97
CA ARG A 84 6.05 -3.92 48.76
C ARG A 84 7.46 -3.75 49.29
N LEU A 85 8.37 -4.63 48.87
CA LEU A 85 9.76 -4.58 49.27
C LEU A 85 10.40 -3.26 48.87
N ASP A 86 11.25 -2.73 49.75
CA ASP A 86 11.93 -1.47 49.50
C ASP A 86 13.42 -1.71 49.67
N LEU A 87 14.18 -1.54 48.60
CA LEU A 87 15.62 -1.73 48.62
C LEU A 87 16.32 -0.41 48.32
N MET A 88 17.61 -0.36 48.63
CA MET A 88 18.44 0.79 48.35
C MET A 88 19.34 0.45 47.17
N SER A 89 19.36 1.32 46.16
CA SER A 89 20.19 1.12 44.98
C SER A 89 21.15 2.29 44.87
N THR A 90 22.43 1.98 44.70
CA THR A 90 23.43 3.02 44.52
C THR A 90 23.70 3.24 43.04
N ARG A 91 24.16 4.45 42.71
CA ARG A 91 24.47 4.84 41.35
C ARG A 91 25.96 5.12 41.24
N GLN A 92 26.59 4.53 40.22
CA GLN A 92 28.02 4.74 40.04
C GLN A 92 28.33 6.19 39.69
N THR A 93 27.35 6.93 39.18
CA THR A 93 27.54 8.34 38.85
C THR A 93 26.97 9.24 39.94
N ASP A 94 25.68 9.08 40.26
CA ASP A 94 25.05 9.90 41.29
C ASP A 94 25.65 9.60 42.67
N GLY A 95 25.71 8.32 43.03
CA GLY A 95 26.17 7.92 44.35
C GLY A 95 25.09 7.88 45.41
N ALA A 96 23.90 8.38 45.12
CA ALA A 96 22.84 8.42 46.11
C ALA A 96 22.20 7.03 46.27
N SER A 97 21.74 6.78 47.49
CA SER A 97 21.03 5.53 47.82
C SER A 97 19.62 5.65 47.24
N ILE A 98 19.47 5.22 45.99
CA ILE A 98 18.20 5.40 45.29
C ILE A 98 17.19 4.38 45.80
N LYS A 99 15.93 4.81 45.91
CA LYS A 99 14.87 3.93 46.39
C LYS A 99 14.54 2.87 45.34
N VAL A 100 14.25 1.66 45.82
CA VAL A 100 13.82 0.55 44.97
C VAL A 100 12.40 0.19 45.35
N THR A 101 11.52 0.16 44.36
CA THR A 101 10.09 -0.03 44.58
C THR A 101 9.60 -1.21 43.77
N ILE A 102 8.61 -1.91 44.31
CA ILE A 102 8.00 -3.09 43.69
C ILE A 102 6.50 -2.95 43.82
N SER A 103 5.77 -3.32 42.78
CA SER A 103 4.32 -3.07 42.73
C SER A 103 3.59 -4.28 42.19
N LEU A 104 2.42 -4.57 42.77
CA LEU A 104 1.58 -5.70 42.39
C LEU A 104 0.44 -5.23 41.50
N VAL A 105 0.77 -4.35 40.54
CA VAL A 105 -0.25 -3.61 39.78
C VAL A 105 -1.34 -4.55 39.28
N ASP A 106 -0.96 -5.53 38.47
CA ASP A 106 -1.96 -6.41 37.85
C ASP A 106 -1.27 -7.55 37.13
N SER A 107 -1.97 -8.67 37.03
CA SER A 107 -1.69 -9.65 35.99
C SER A 107 -2.48 -9.26 34.76
N VAL A 108 -1.79 -8.81 33.72
CA VAL A 108 -2.45 -8.14 32.59
C VAL A 108 -3.44 -9.09 31.95
N LYS A 109 -4.67 -8.60 31.71
CA LYS A 109 -5.70 -9.44 31.13
C LYS A 109 -5.59 -9.50 29.61
N ASN A 110 -5.80 -8.36 28.94
CA ASN A 110 -5.88 -8.37 27.49
C ASN A 110 -5.28 -7.16 26.78
N ARG A 111 -4.68 -6.21 27.50
CA ARG A 111 -4.24 -4.97 26.88
C ARG A 111 -2.73 -4.91 26.68
N ASP A 112 -1.96 -5.09 27.76
CA ASP A 112 -0.51 -5.08 27.68
C ASP A 112 0.07 -6.44 27.37
N VAL A 113 -0.78 -7.48 27.24
CA VAL A 113 -0.26 -8.78 26.88
C VAL A 113 0.42 -8.72 25.52
N VAL A 114 -0.18 -8.04 24.56
CA VAL A 114 0.41 -7.96 23.22
C VAL A 114 1.70 -7.14 23.24
N GLN A 115 1.67 -5.99 23.90
CA GLN A 115 2.87 -5.16 23.98
C GLN A 115 4.04 -5.90 24.61
N LEU A 116 3.76 -6.89 25.46
CA LEU A 116 4.81 -7.76 25.97
C LEU A 116 5.26 -8.78 24.93
N MET A 117 4.30 -9.42 24.25
CA MET A 117 4.65 -10.48 23.32
C MET A 117 5.45 -9.94 22.14
N ASN A 118 5.10 -8.78 21.62
CA ASN A 118 5.88 -8.22 20.54
C ASN A 118 7.31 -7.89 20.97
N VAL A 119 7.51 -7.39 22.18
CA VAL A 119 8.86 -7.10 22.64
C VAL A 119 9.67 -8.39 22.79
N ILE A 120 9.11 -9.40 23.46
CA ILE A 120 9.89 -10.63 23.60
C ILE A 120 10.07 -11.33 22.27
N PHE A 121 9.14 -11.19 21.33
CA PHE A 121 9.31 -11.86 20.06
C PHE A 121 10.32 -11.14 19.18
N LYS A 122 10.39 -9.83 19.26
CA LYS A 122 11.50 -9.12 18.64
C LYS A 122 12.82 -9.53 19.23
N ARG A 123 12.87 -9.74 20.55
CA ARG A 123 14.07 -10.31 21.15
C ARG A 123 14.40 -11.69 20.59
N ILE A 124 13.38 -12.55 20.44
CA ILE A 124 13.61 -13.88 19.88
C ILE A 124 14.19 -13.79 18.48
N LEU A 125 13.56 -13.01 17.61
CA LEU A 125 14.06 -12.87 16.25
C LEU A 125 15.45 -12.27 16.24
N ARG A 126 15.79 -11.43 17.21
CA ARG A 126 17.16 -10.97 17.34
C ARG A 126 18.09 -12.11 17.72
N SER A 127 17.61 -13.09 18.47
CA SER A 127 18.46 -14.22 18.83
C SER A 127 18.80 -15.12 17.65
N LEU A 128 18.02 -15.06 16.56
CA LEU A 128 18.27 -15.87 15.39
C LEU A 128 19.20 -15.19 14.39
N LYS A 129 20.02 -14.25 14.86
CA LYS A 129 20.94 -13.52 14.01
C LYS A 129 20.23 -12.80 12.88
N LEU A 130 19.04 -12.27 13.15
CA LEU A 130 18.32 -11.42 12.22
C LEU A 130 18.52 -9.96 12.61
N GLN A 131 18.55 -9.08 11.61
CA GLN A 131 18.77 -7.66 11.84
C GLN A 131 17.50 -6.88 11.55
N ARG A 132 17.39 -5.70 12.15
CA ARG A 132 16.25 -4.82 11.94
C ARG A 132 16.62 -3.80 10.87
N ILE A 133 16.10 -3.99 9.66
CA ILE A 133 16.21 -3.00 8.60
C ILE A 133 14.81 -2.47 8.32
N GLY A 134 14.68 -1.16 8.28
CA GLY A 134 13.37 -0.58 8.11
C GLY A 134 12.47 -0.87 9.30
N ARG A 135 11.48 -1.73 9.11
CA ARG A 135 10.56 -2.08 10.18
C ARG A 135 10.54 -3.57 10.50
N ASP A 136 10.75 -4.44 9.53
CA ASP A 136 10.77 -5.87 9.74
C ASP A 136 12.21 -6.38 9.78
N TYR A 137 12.37 -7.70 9.80
CA TYR A 137 13.66 -8.34 10.06
C TYR A 137 14.10 -9.10 8.82
N TYR A 138 15.34 -8.87 8.40
CA TYR A 138 15.93 -9.57 7.26
C TYR A 138 17.18 -10.31 7.70
N ASP A 139 17.43 -11.45 7.07
CA ASP A 139 18.59 -12.27 7.37
C ASP A 139 19.83 -11.68 6.71
N ALA A 140 20.98 -12.26 7.03
CA ALA A 140 22.23 -11.85 6.41
C ALA A 140 23.13 -13.01 6.02
N ASN A 141 22.92 -14.22 6.53
CA ASN A 141 23.83 -15.32 6.23
C ASN A 141 23.59 -15.87 4.83
N SER A 142 22.37 -15.77 4.31
CA SER A 142 21.97 -16.47 3.09
C SER A 142 21.28 -15.53 2.11
N PRO A 143 22.02 -14.61 1.49
CA PRO A 143 21.43 -13.80 0.42
C PRO A 143 21.18 -14.63 -0.83
N LEU A 144 20.21 -14.17 -1.61
CA LEU A 144 19.85 -14.81 -2.88
C LEU A 144 20.53 -14.01 -3.98
N GLU A 145 21.68 -14.49 -4.42
CA GLU A 145 22.57 -13.71 -5.26
C GLU A 145 21.94 -13.42 -6.62
N VAL A 146 21.97 -12.16 -7.04
CA VAL A 146 21.55 -11.75 -8.36
C VAL A 146 22.63 -10.86 -8.95
N PRO A 147 23.75 -11.42 -9.42
CA PRO A 147 24.91 -10.62 -9.82
C PRO A 147 24.81 -10.11 -11.25
N GLN A 148 23.64 -9.61 -11.63
CA GLN A 148 23.40 -9.12 -12.97
C GLN A 148 23.23 -7.63 -13.03
N HIS A 149 22.87 -7.01 -11.92
CA HIS A 149 22.54 -5.59 -11.88
C HIS A 149 23.22 -4.94 -10.70
N LYS A 150 24.22 -5.62 -10.13
CA LYS A 150 24.81 -5.29 -8.83
C LYS A 150 23.80 -5.38 -7.69
N MET A 151 22.61 -5.91 -7.97
CA MET A 151 21.64 -6.15 -6.92
C MET A 151 22.08 -7.34 -6.07
N GLN A 152 21.47 -7.46 -4.91
CA GLN A 152 21.65 -8.63 -4.06
C GLN A 152 20.51 -8.66 -3.07
N LEU A 153 19.69 -9.70 -3.13
CA LEU A 153 18.52 -9.78 -2.27
C LEU A 153 18.88 -10.37 -0.92
N TRP A 154 18.12 -10.00 0.11
CA TRP A 154 18.25 -10.56 1.44
C TRP A 154 16.91 -11.12 1.86
N PRO A 155 16.81 -12.40 2.21
CA PRO A 155 15.55 -12.92 2.72
C PRO A 155 15.22 -12.27 4.04
N GLY A 156 13.93 -12.15 4.30
CA GLY A 156 13.50 -11.47 5.50
C GLY A 156 12.07 -11.81 5.84
N TYR A 157 11.70 -11.53 7.08
CA TYR A 157 10.38 -11.85 7.60
C TYR A 157 9.78 -10.64 8.28
N VAL A 158 8.48 -10.45 8.08
CA VAL A 158 7.71 -9.42 8.77
C VAL A 158 6.73 -10.11 9.70
N THR A 159 6.73 -9.71 10.96
CA THR A 159 5.97 -10.40 12.00
C THR A 159 5.19 -9.41 12.83
N ALA A 160 4.04 -9.87 13.33
CA ALA A 160 3.27 -9.10 14.29
C ALA A 160 2.36 -10.07 15.04
N ILE A 161 1.97 -9.65 16.24
CA ILE A 161 1.12 -10.45 17.11
C ILE A 161 -0.02 -9.57 17.57
N ASN A 162 -1.26 -10.05 17.45
CA ASN A 162 -2.41 -9.25 17.80
C ASN A 162 -3.52 -10.15 18.30
N ARG A 163 -4.62 -9.53 18.72
CA ARG A 163 -5.72 -10.25 19.34
C ARG A 163 -6.77 -10.56 18.28
N HIS A 164 -6.39 -11.43 17.35
CA HIS A 164 -7.36 -11.90 16.37
C HIS A 164 -8.38 -12.81 17.05
N GLU A 165 -9.53 -12.97 16.40
CA GLU A 165 -10.66 -13.64 17.03
C GLU A 165 -10.32 -15.04 17.51
N GLY A 166 -9.33 -15.68 16.91
CA GLY A 166 -8.97 -17.04 17.28
C GLY A 166 -7.98 -17.09 18.41
N GLY A 167 -7.81 -15.97 19.11
CA GLY A 167 -6.89 -15.91 20.22
C GLY A 167 -5.71 -15.00 19.96
N LEU A 168 -4.52 -15.45 20.30
CA LEU A 168 -3.30 -14.72 19.99
C LEU A 168 -2.61 -15.44 18.84
N MET A 169 -2.38 -14.72 17.75
CA MET A 169 -1.84 -15.30 16.55
C MET A 169 -0.60 -14.54 16.11
N LEU A 170 0.30 -15.24 15.43
CA LEU A 170 1.54 -14.66 14.95
C LEU A 170 1.45 -14.46 13.45
N VAL A 171 1.61 -13.22 13.00
CA VAL A 171 1.69 -12.94 11.59
C VAL A 171 3.09 -13.27 11.11
N LEU A 172 3.20 -13.87 9.94
CA LEU A 172 4.52 -14.15 9.38
C LEU A 172 4.40 -14.22 7.87
N ASP A 173 5.16 -13.37 7.17
CA ASP A 173 5.18 -13.37 5.72
C ASP A 173 6.57 -13.00 5.24
N VAL A 174 7.10 -13.80 4.32
CA VAL A 174 8.46 -13.60 3.84
C VAL A 174 8.55 -12.26 3.13
N SER A 175 9.61 -11.53 3.41
CA SER A 175 9.90 -10.29 2.72
C SER A 175 11.22 -10.43 1.96
N HIS A 176 11.67 -9.33 1.35
CA HIS A 176 12.92 -9.33 0.61
C HIS A 176 13.41 -7.89 0.52
N ARG A 177 14.69 -7.69 0.81
CA ARG A 177 15.28 -6.36 0.85
C ARG A 177 16.47 -6.31 -0.08
N VAL A 178 16.33 -5.58 -1.18
CA VAL A 178 17.39 -5.51 -2.19
C VAL A 178 18.48 -4.58 -1.70
N MET A 179 19.73 -5.01 -1.82
CA MET A 179 20.86 -4.21 -1.37
C MET A 179 21.94 -4.21 -2.44
N LYS A 180 22.55 -3.04 -2.63
CA LYS A 180 23.50 -2.84 -3.71
C LYS A 180 24.81 -3.56 -3.41
N THR A 181 25.26 -4.38 -4.35
CA THR A 181 26.50 -5.12 -4.15
C THR A 181 27.71 -4.19 -4.08
N ASP A 182 27.71 -3.14 -4.88
CA ASP A 182 28.83 -2.23 -4.97
C ASP A 182 28.75 -1.20 -3.83
N THR A 183 29.52 -0.13 -3.96
CA THR A 183 29.61 0.93 -2.95
C THR A 183 28.58 2.01 -3.22
N ALA A 184 28.71 3.13 -2.52
CA ALA A 184 27.81 4.25 -2.66
C ALA A 184 28.44 5.45 -3.36
N LEU A 185 29.77 5.60 -3.25
CA LEU A 185 30.43 6.72 -3.91
C LEU A 185 30.25 6.64 -5.42
N ASP A 186 30.37 5.43 -5.96
CA ASP A 186 30.06 5.20 -7.37
C ASP A 186 28.64 5.64 -7.72
N PHE A 187 27.69 5.34 -6.83
CA PHE A 187 26.34 5.88 -7.00
C PHE A 187 26.34 7.41 -6.94
N LEU A 188 27.29 8.00 -6.22
CA LEU A 188 27.41 9.44 -6.17
C LEU A 188 28.13 10.02 -7.39
N TYR A 189 28.69 9.17 -8.26
CA TYR A 189 29.13 9.68 -9.56
C TYR A 189 27.97 10.28 -10.35
N GLU A 190 26.78 9.69 -10.23
CA GLU A 190 25.62 10.13 -10.99
C GLU A 190 25.00 11.36 -10.32
N LEU A 191 25.70 12.49 -10.49
CA LEU A 191 25.20 13.79 -10.03
C LEU A 191 24.91 14.72 -11.19
N TYR A 192 25.89 14.98 -12.05
CA TYR A 192 25.67 15.54 -13.38
C TYR A 192 25.93 14.44 -14.40
N HIS A 193 24.94 14.18 -15.25
CA HIS A 193 25.05 13.13 -16.24
C HIS A 193 26.07 13.49 -17.31
N PHE A 204 21.67 14.30 -4.58
CA PHE A 204 21.10 15.55 -4.11
C PHE A 204 19.92 15.32 -3.17
N LYS A 205 18.72 15.25 -3.75
CA LYS A 205 17.50 15.10 -2.98
C LYS A 205 17.00 13.66 -2.97
N GLN A 206 17.87 12.70 -3.25
CA GLN A 206 17.47 11.31 -3.39
C GLN A 206 17.85 10.47 -2.18
N LEU A 207 19.06 10.66 -1.65
CA LEU A 207 19.48 10.01 -0.41
C LEU A 207 18.88 10.81 0.74
N VAL A 208 17.57 10.66 0.91
CA VAL A 208 16.82 11.49 1.84
C VAL A 208 16.01 10.61 2.78
N GLY A 209 16.56 9.45 3.12
CA GLY A 209 15.80 8.43 3.81
C GLY A 209 16.14 7.05 3.27
N SER A 210 17.14 7.02 2.39
CA SER A 210 17.67 5.78 1.87
C SER A 210 18.38 5.01 2.98
N VAL A 211 17.92 3.79 3.26
CA VAL A 211 18.45 3.04 4.39
C VAL A 211 19.77 2.41 4.01
N VAL A 212 20.85 3.12 4.25
CA VAL A 212 22.19 2.66 3.93
C VAL A 212 22.70 1.81 5.08
N LEU A 213 23.43 0.74 4.75
CA LEU A 213 24.11 -0.05 5.75
C LEU A 213 25.56 -0.25 5.34
N THR A 214 26.39 -0.54 6.33
CA THR A 214 27.79 -0.86 6.10
C THR A 214 27.96 -2.35 5.95
N ARG A 215 29.15 -2.75 5.50
CA ARG A 215 29.45 -4.15 5.27
C ARG A 215 30.30 -4.79 6.34
N TYR A 216 31.23 -4.05 6.94
CA TYR A 216 32.17 -4.64 7.89
C TYR A 216 31.47 -5.19 9.13
N ASN A 217 30.29 -4.70 9.46
CA ASN A 217 29.52 -5.24 10.57
C ASN A 217 28.07 -5.50 10.21
N ASN A 218 27.64 -5.11 9.02
CA ASN A 218 26.24 -5.19 8.61
C ASN A 218 25.33 -4.46 9.58
N ARG A 219 25.84 -3.38 10.17
CA ARG A 219 25.03 -2.48 10.97
C ARG A 219 24.28 -1.56 10.03
N THR A 220 22.96 -1.54 10.15
CA THR A 220 22.08 -0.87 9.20
C THR A 220 21.65 0.50 9.75
N TYR A 221 22.28 1.54 9.23
CA TYR A 221 21.88 2.90 9.57
C TYR A 221 20.68 3.30 8.75
N GLU A 222 20.16 4.50 9.02
CA GLU A 222 19.15 5.13 8.18
C GLU A 222 19.62 6.57 8.02
N ILE A 223 19.74 7.03 6.79
CA ILE A 223 20.38 8.31 6.56
C ILE A 223 19.36 9.43 6.68
N ASP A 224 19.82 10.59 7.14
CA ASP A 224 18.91 11.71 7.38
C ASP A 224 19.33 12.99 6.67
N ASP A 225 20.62 13.31 6.63
CA ASP A 225 21.03 14.60 6.11
C ASP A 225 22.46 14.51 5.60
N ILE A 226 22.72 15.21 4.50
CA ILE A 226 24.00 15.17 3.82
C ILE A 226 24.50 16.59 3.60
N ALA A 227 25.70 16.88 4.09
CA ALA A 227 26.37 18.14 3.85
C ALA A 227 27.77 17.85 3.35
N TRP A 228 28.01 18.13 2.07
CA TRP A 228 29.30 17.80 1.48
C TRP A 228 30.40 18.77 1.87
N ASP A 229 30.18 19.60 2.89
CA ASP A 229 31.17 20.57 3.32
C ASP A 229 32.21 19.98 4.27
N LYS A 230 32.40 18.66 4.23
CA LYS A 230 33.29 17.97 5.15
C LYS A 230 34.09 16.92 4.38
N ASN A 231 35.26 16.59 4.90
CA ASN A 231 36.12 15.59 4.32
C ASN A 231 36.31 14.41 5.28
N PRO A 232 36.54 13.20 4.77
CA PRO A 232 36.73 12.04 5.65
C PRO A 232 37.96 12.14 6.54
N ARG A 233 38.89 13.03 6.23
CA ARG A 233 40.11 13.18 7.00
C ARG A 233 39.92 14.03 8.25
N CYS A 234 38.75 14.65 8.42
CA CYS A 234 38.51 15.45 9.60
C CYS A 234 38.44 14.58 10.84
N ALA A 235 38.79 15.16 11.98
CA ALA A 235 38.80 14.48 13.26
C ALA A 235 37.66 14.99 14.13
N PHE A 236 37.17 14.11 15.01
CA PHE A 236 36.02 14.43 15.84
C PHE A 236 36.29 14.01 17.28
N GLN A 237 35.84 14.83 18.22
CA GLN A 237 36.05 14.60 19.64
C GLN A 237 35.22 13.41 20.09
N ASP A 238 35.88 12.29 20.32
CA ASP A 238 35.23 11.08 20.80
C ASP A 238 36.01 10.51 21.98
N HIS A 239 35.27 9.94 22.94
CA HIS A 239 35.84 9.21 24.08
C HIS A 239 36.81 10.10 24.87
N ALA A 240 36.25 11.17 25.43
CA ALA A 240 36.95 12.08 26.32
C ALA A 240 38.12 12.76 25.61
N GLY A 241 37.78 13.59 24.63
CA GLY A 241 38.76 14.43 23.96
C GLY A 241 39.83 13.67 23.21
N SER A 242 39.41 12.66 22.44
CA SER A 242 40.34 11.88 21.62
C SER A 242 39.89 12.02 20.17
N GLN A 243 40.43 13.04 19.49
CA GLN A 243 40.10 13.25 18.08
C GLN A 243 40.73 12.16 17.24
N ILE A 244 39.94 11.55 16.36
CA ILE A 244 40.43 10.54 15.44
C ILE A 244 39.81 10.77 14.08
N THR A 245 40.61 10.61 13.03
CA THR A 245 40.09 10.74 11.68
C THR A 245 39.41 9.44 11.25
N PHE A 246 38.42 9.58 10.36
CA PHE A 246 37.68 8.42 9.91
C PHE A 246 38.59 7.40 9.25
N VAL A 247 39.55 7.86 8.43
CA VAL A 247 40.48 6.94 7.81
C VAL A 247 41.26 6.15 8.84
N ASP A 248 41.69 6.79 9.93
CA ASP A 248 42.36 6.09 11.01
C ASP A 248 41.41 5.26 11.85
N TYR A 249 40.24 5.80 12.20
CA TYR A 249 39.31 5.04 13.05
C TYR A 249 38.90 3.75 12.38
N TYR A 250 38.56 3.81 11.10
CA TYR A 250 38.08 2.63 10.40
C TYR A 250 39.19 1.60 10.22
N LYS A 251 40.41 2.04 9.90
CA LYS A 251 41.50 1.08 9.77
C LYS A 251 41.86 0.46 11.12
N ARG A 252 41.69 1.20 12.21
CA ARG A 252 41.96 0.61 13.52
C ARG A 252 40.87 -0.38 13.91
N ALA A 253 39.60 -0.04 13.68
CA ALA A 253 38.50 -0.85 14.18
C ALA A 253 38.09 -1.98 13.26
N TYR A 254 38.44 -1.92 11.97
CA TYR A 254 38.02 -2.93 11.02
C TYR A 254 39.13 -3.38 10.09
N ASP A 255 40.31 -2.75 10.14
CA ASP A 255 41.48 -3.15 9.34
C ASP A 255 41.14 -3.11 7.85
N LEU A 256 40.82 -1.91 7.37
CA LEU A 256 40.57 -1.68 5.95
C LEU A 256 41.14 -0.32 5.59
N ASP A 257 41.24 -0.07 4.28
CA ASP A 257 41.79 1.16 3.75
C ASP A 257 40.71 1.96 3.04
N ILE A 258 41.07 3.16 2.62
CA ILE A 258 40.18 4.07 1.91
C ILE A 258 40.91 4.55 0.66
N THR A 259 40.26 4.41 -0.50
CA THR A 259 40.94 4.73 -1.75
C THR A 259 40.81 6.22 -2.10
N ASP A 260 39.63 6.79 -1.90
CA ASP A 260 39.38 8.19 -2.23
C ASP A 260 39.13 8.98 -0.96
N LEU A 261 39.78 10.13 -0.83
CA LEU A 261 39.76 10.92 0.39
C LEU A 261 38.94 12.20 0.25
N GLU A 262 38.06 12.26 -0.75
CA GLU A 262 37.28 13.47 -0.99
C GLU A 262 35.78 13.18 -1.09
N GLN A 263 35.34 12.04 -0.63
CA GLN A 263 33.95 11.68 -0.77
C GLN A 263 33.08 12.48 0.19
N PRO A 264 31.87 12.86 -0.22
CA PRO A 264 30.94 13.53 0.70
C PRO A 264 30.42 12.55 1.74
N LEU A 265 30.57 12.90 3.01
CA LEU A 265 30.18 12.02 4.10
C LEU A 265 28.65 12.03 4.26
N LEU A 266 28.16 11.09 5.06
CA LEU A 266 26.73 10.93 5.29
C LEU A 266 26.46 10.98 6.78
N ILE A 267 25.39 11.67 7.17
CA ILE A 267 25.12 12.02 8.57
C ILE A 267 23.81 11.38 9.02
N HIS A 268 23.86 10.71 10.17
CA HIS A 268 22.68 10.11 10.77
C HIS A 268 22.67 10.42 12.26
N ARG A 269 21.49 10.67 12.80
CA ARG A 269 21.35 10.97 14.22
C ARG A 269 20.24 10.13 14.84
N PRO A 270 20.50 9.48 15.97
CA PRO A 270 19.47 8.66 16.61
C PRO A 270 18.29 9.50 17.06
N LYS A 271 17.10 8.92 16.99
CA LYS A 271 15.88 9.62 17.37
C LYS A 271 15.74 9.67 18.89
N MET A 288 25.42 13.10 14.75
CA MET A 288 26.77 13.43 14.32
C MET A 288 27.50 12.17 13.83
N VAL A 289 26.74 11.14 13.46
CA VAL A 289 27.31 9.90 12.95
C VAL A 289 27.64 10.12 11.48
N CYS A 290 28.89 10.47 11.19
CA CYS A 290 29.31 10.82 9.84
C CYS A 290 29.82 9.56 9.15
N LEU A 291 29.03 9.05 8.20
CA LEU A 291 29.42 7.86 7.46
C LEU A 291 30.42 8.21 6.37
N VAL A 292 31.02 7.16 5.80
CA VAL A 292 31.93 7.31 4.66
C VAL A 292 31.35 6.52 3.50
N PRO A 293 31.11 7.13 2.35
CA PRO A 293 30.43 6.41 1.27
C PRO A 293 31.35 5.58 0.40
N GLU A 294 32.30 4.88 1.00
CA GLU A 294 32.95 3.75 0.36
C GLU A 294 32.67 2.44 1.08
N LEU A 295 32.40 2.51 2.38
CA LEU A 295 31.99 1.37 3.16
C LEU A 295 30.49 1.21 3.19
N CYS A 296 29.76 2.17 2.63
CA CYS A 296 28.31 2.16 2.59
C CYS A 296 27.80 1.29 1.45
N ALA A 297 26.52 0.96 1.52
CA ALA A 297 25.85 0.23 0.44
C ALA A 297 24.35 0.41 0.62
N MET A 298 23.69 1.03 -0.35
CA MET A 298 22.28 1.34 -0.18
C MET A 298 21.45 0.07 -0.10
N THR A 299 20.26 0.22 0.47
CA THR A 299 19.22 -0.78 0.37
C THR A 299 18.00 -0.14 -0.27
N GLY A 300 17.29 -0.92 -1.06
CA GLY A 300 16.10 -0.42 -1.71
C GLY A 300 16.44 0.19 -3.04
N LEU A 301 15.91 -0.40 -4.11
CA LEU A 301 16.05 0.18 -5.44
C LEU A 301 15.50 1.59 -5.46
N THR A 302 16.30 2.54 -5.97
CA THR A 302 16.08 3.95 -5.73
C THR A 302 15.76 4.71 -7.01
N ASP A 303 14.50 4.59 -7.43
CA ASP A 303 13.83 5.44 -8.42
C ASP A 303 14.43 5.18 -9.80
N ALA A 304 15.61 4.57 -9.92
CA ALA A 304 16.21 4.38 -11.23
C ALA A 304 16.05 2.94 -11.67
N ALA A 305 16.34 2.00 -10.77
CA ALA A 305 15.84 0.65 -10.94
C ALA A 305 14.33 0.62 -10.79
N ARG A 306 13.74 1.65 -10.18
CA ARG A 306 12.29 1.69 -10.04
C ARG A 306 11.63 2.12 -11.33
N SER A 307 12.08 3.23 -11.93
CA SER A 307 11.59 3.67 -13.23
C SER A 307 12.39 2.95 -14.31
N ASP A 308 12.11 1.66 -14.46
CA ASP A 308 12.85 0.84 -15.41
C ASP A 308 12.14 -0.48 -15.63
N PHE A 309 12.05 -0.90 -16.89
CA PHE A 309 11.50 -2.20 -17.26
C PHE A 309 12.53 -3.32 -17.19
N LYS A 310 13.82 -2.97 -17.11
CA LYS A 310 14.88 -3.97 -17.19
C LYS A 310 14.98 -4.78 -15.91
N VAL A 311 15.16 -4.10 -14.77
CA VAL A 311 15.53 -4.80 -13.55
C VAL A 311 14.34 -5.47 -12.85
N MET A 312 13.11 -5.06 -13.14
CA MET A 312 11.97 -5.70 -12.50
C MET A 312 11.78 -7.15 -12.91
N LYS A 313 11.89 -7.46 -14.20
CA LYS A 313 11.76 -8.85 -14.62
C LYS A 313 12.89 -9.70 -14.07
N ASP A 314 14.05 -9.09 -13.81
CA ASP A 314 15.17 -9.77 -13.19
C ASP A 314 14.94 -10.05 -11.72
N LEU A 315 14.43 -9.05 -10.99
CA LEU A 315 14.19 -9.19 -9.56
C LEU A 315 12.95 -10.03 -9.27
N ALA A 316 11.86 -9.79 -10.00
CA ALA A 316 10.58 -10.36 -9.63
C ALA A 316 10.54 -11.88 -9.77
N VAL A 317 11.52 -12.50 -10.43
CA VAL A 317 11.56 -13.95 -10.45
C VAL A 317 11.80 -14.50 -9.05
N HIS A 318 12.53 -13.75 -8.22
CA HIS A 318 12.77 -14.14 -6.84
C HIS A 318 11.84 -13.47 -5.85
N THR A 319 11.60 -12.17 -5.99
CA THR A 319 10.75 -11.46 -5.04
C THR A 319 9.33 -12.01 -5.06
N ARG A 320 8.75 -12.15 -6.25
CA ARG A 320 7.39 -12.66 -6.36
C ARG A 320 7.38 -14.17 -6.15
N VAL A 321 7.36 -14.60 -4.91
CA VAL A 321 7.50 -16.02 -4.58
C VAL A 321 6.19 -16.73 -4.85
N PRO A 322 6.19 -17.84 -5.58
CA PRO A 322 4.97 -18.61 -5.76
C PRO A 322 4.50 -19.18 -4.44
N PRO A 323 3.20 -19.47 -4.31
CA PRO A 323 2.68 -19.91 -3.01
C PRO A 323 3.34 -21.16 -2.48
N GLU A 324 3.67 -22.12 -3.33
CA GLU A 324 4.25 -23.37 -2.85
C GLU A 324 5.62 -23.16 -2.22
N LYS A 325 6.44 -22.28 -2.78
CA LYS A 325 7.72 -21.97 -2.17
C LYS A 325 7.54 -21.20 -0.87
N ARG A 326 6.57 -20.29 -0.85
CA ARG A 326 6.35 -19.45 0.33
C ARG A 326 5.86 -20.27 1.51
N ALA A 327 5.02 -21.27 1.27
CA ALA A 327 4.56 -22.11 2.37
C ALA A 327 5.74 -22.79 3.06
N GLU A 328 6.70 -23.29 2.31
CA GLU A 328 7.87 -23.91 2.92
C GLU A 328 8.84 -22.89 3.48
N SER A 329 8.97 -21.72 2.87
CA SER A 329 9.77 -20.67 3.49
C SER A 329 9.17 -20.24 4.82
N PHE A 330 7.88 -20.49 5.02
CA PHE A 330 7.25 -20.26 6.31
C PHE A 330 7.51 -21.43 7.27
N ARG A 331 7.26 -22.66 6.82
CA ARG A 331 7.37 -23.80 7.71
C ARG A 331 8.81 -24.04 8.16
N LYS A 332 9.76 -23.88 7.25
CA LYS A 332 11.15 -24.04 7.61
C LYS A 332 11.66 -22.89 8.46
N PHE A 333 10.92 -21.79 8.54
CA PHE A 333 11.19 -20.82 9.57
C PHE A 333 10.83 -21.35 10.95
N ILE A 334 9.72 -22.06 11.06
CA ILE A 334 9.33 -22.61 12.35
C ILE A 334 10.27 -23.74 12.76
N GLN A 335 10.67 -24.58 11.81
CA GLN A 335 11.68 -25.59 12.14
C GLN A 335 12.98 -24.95 12.61
N ARG A 336 13.34 -23.79 12.07
CA ARG A 336 14.50 -23.05 12.56
C ARG A 336 14.27 -22.42 13.91
N LEU A 337 13.05 -21.95 14.18
CA LEU A 337 12.72 -21.30 15.44
C LEU A 337 12.59 -22.27 16.59
N ASN A 338 12.28 -23.53 16.33
CA ASN A 338 12.20 -24.53 17.38
C ASN A 338 13.45 -25.39 17.44
N THR A 339 14.59 -24.86 17.02
CA THR A 339 15.85 -25.58 17.14
C THR A 339 16.93 -24.72 17.78
N THR A 340 16.89 -23.41 17.55
CA THR A 340 17.93 -22.54 18.09
C THR A 340 17.80 -22.46 19.61
N LYS A 341 18.95 -22.44 20.29
CA LYS A 341 18.95 -22.60 21.74
C LYS A 341 18.24 -21.45 22.44
N GLU A 342 18.61 -20.20 22.12
CA GLU A 342 17.93 -19.07 22.74
C GLU A 342 16.45 -19.06 22.41
N ALA A 343 16.11 -19.29 21.14
CA ALA A 343 14.71 -19.36 20.76
C ALA A 343 13.98 -20.49 21.46
N SER A 344 14.60 -21.67 21.57
CA SER A 344 13.94 -22.77 22.24
C SER A 344 13.70 -22.48 23.71
N GLU A 345 14.67 -21.88 24.38
CA GLU A 345 14.54 -21.65 25.82
C GLU A 345 13.62 -20.48 26.15
N LEU A 346 13.58 -19.44 25.32
CA LEU A 346 12.77 -18.28 25.67
C LEU A 346 11.29 -18.62 25.77
N LEU A 347 10.78 -19.43 24.85
CA LEU A 347 9.38 -19.85 24.92
C LEU A 347 9.10 -20.61 26.20
N HIS A 348 9.93 -21.60 26.54
CA HIS A 348 9.71 -22.36 27.75
C HIS A 348 9.92 -21.53 29.01
N SER A 349 10.60 -20.40 28.90
CA SER A 349 10.70 -19.49 30.03
C SER A 349 9.36 -18.83 30.30
N TRP A 350 8.86 -18.05 29.34
CA TRP A 350 7.56 -17.40 29.50
C TRP A 350 6.41 -18.39 29.40
N GLY A 351 6.68 -19.62 28.95
CA GLY A 351 5.69 -20.67 28.95
C GLY A 351 4.89 -20.81 27.68
N LEU A 352 4.89 -19.80 26.81
CA LEU A 352 4.07 -19.85 25.61
C LEU A 352 4.61 -20.88 24.64
N VAL A 353 3.72 -21.68 24.06
CA VAL A 353 4.10 -22.74 23.13
C VAL A 353 3.66 -22.31 21.74
N LEU A 354 4.63 -22.02 20.88
CA LEU A 354 4.35 -21.63 19.51
C LEU A 354 4.06 -22.88 18.68
N ASP A 355 2.89 -22.91 18.03
CA ASP A 355 2.53 -24.08 17.24
C ASP A 355 3.42 -24.17 16.00
N SER A 356 3.39 -25.34 15.37
CA SER A 356 4.37 -25.69 14.35
C SER A 356 3.79 -25.76 12.93
N ARG A 357 2.59 -25.22 12.71
CA ARG A 357 1.95 -25.33 11.41
C ARG A 357 0.82 -24.32 11.33
N MET A 358 0.70 -23.68 10.17
CA MET A 358 -0.18 -22.54 10.02
C MET A 358 -1.64 -22.92 10.27
N LEU A 359 -2.49 -21.92 10.28
CA LEU A 359 -3.91 -22.11 10.55
C LEU A 359 -4.57 -22.86 9.40
N ASP A 360 -5.69 -23.51 9.70
CA ASP A 360 -6.48 -24.24 8.71
C ASP A 360 -7.95 -23.93 8.91
N MET A 361 -8.46 -22.94 8.20
CA MET A 361 -9.81 -22.43 8.35
C MET A 361 -10.71 -23.04 7.29
N GLN A 362 -11.95 -22.55 7.23
CA GLN A 362 -12.92 -22.96 6.22
C GLN A 362 -13.50 -21.71 5.58
N GLY A 363 -12.80 -21.16 4.60
CA GLY A 363 -13.30 -20.01 3.90
C GLY A 363 -14.42 -20.39 2.96
N ARG A 364 -15.05 -19.39 2.37
CA ARG A 364 -16.11 -19.62 1.41
C ARG A 364 -15.77 -18.94 0.10
N ARG A 365 -16.19 -19.55 -1.00
CA ARG A 365 -15.96 -19.05 -2.34
C ARG A 365 -17.28 -18.55 -2.90
N LEU A 366 -17.38 -17.24 -3.07
CA LEU A 366 -18.56 -16.66 -3.67
C LEU A 366 -18.66 -17.09 -5.14
N PRO A 367 -19.87 -17.27 -5.66
CA PRO A 367 -20.02 -17.75 -7.03
C PRO A 367 -19.45 -16.75 -8.01
N PRO A 368 -18.91 -17.21 -9.14
CA PRO A 368 -18.45 -16.26 -10.15
C PRO A 368 -19.61 -15.44 -10.68
N GLU A 369 -19.35 -14.15 -10.93
CA GLU A 369 -20.42 -13.20 -11.21
C GLU A 369 -20.59 -13.01 -12.72
N LYS A 370 -21.83 -12.96 -13.15
CA LYS A 370 -22.13 -12.71 -14.55
C LYS A 370 -21.68 -11.31 -14.94
N ILE A 371 -21.34 -11.13 -16.21
CA ILE A 371 -20.91 -9.84 -16.74
C ILE A 371 -21.92 -9.45 -17.81
N LEU A 372 -22.79 -8.50 -17.48
CA LEU A 372 -23.82 -8.06 -18.41
C LEU A 372 -23.23 -7.14 -19.46
N PHE A 373 -23.29 -7.56 -20.71
CA PHE A 373 -23.00 -6.67 -21.83
C PHE A 373 -24.30 -6.12 -22.37
N LYS A 374 -24.25 -5.45 -23.53
CA LYS A 374 -25.45 -4.82 -24.07
C LYS A 374 -26.48 -5.87 -24.47
N HIS A 375 -26.12 -6.73 -25.43
CA HIS A 375 -27.08 -7.71 -25.93
C HIS A 375 -27.06 -8.97 -25.08
N SER A 376 -25.90 -9.60 -24.95
CA SER A 376 -25.75 -10.84 -24.21
C SER A 376 -24.89 -10.61 -22.98
N SER A 377 -24.58 -11.70 -22.28
CA SER A 377 -23.78 -11.62 -21.08
C SER A 377 -23.02 -12.92 -20.91
N ILE A 378 -21.81 -12.82 -20.36
CA ILE A 378 -20.96 -13.98 -20.14
C ILE A 378 -20.57 -14.05 -18.68
N VAL A 379 -20.64 -15.26 -18.13
CA VAL A 379 -20.16 -15.49 -16.77
C VAL A 379 -18.64 -15.47 -16.81
N ALA A 380 -18.02 -15.01 -15.74
CA ALA A 380 -16.57 -15.02 -15.69
C ALA A 380 -16.07 -16.45 -15.49
N ASN A 381 -14.88 -16.71 -16.00
CA ASN A 381 -14.25 -18.00 -15.80
C ASN A 381 -13.72 -18.09 -14.38
N MET A 382 -13.26 -19.28 -14.00
CA MET A 382 -12.62 -19.43 -12.70
C MET A 382 -11.46 -18.45 -12.54
N GLU A 383 -10.77 -18.15 -13.63
CA GLU A 383 -9.74 -17.13 -13.62
C GLU A 383 -10.29 -15.74 -13.35
N ALA A 384 -11.61 -15.55 -13.51
CA ALA A 384 -12.24 -14.24 -13.39
C ALA A 384 -11.55 -13.22 -14.27
N ASP A 385 -11.62 -13.46 -15.58
CA ASP A 385 -11.09 -12.54 -16.56
C ASP A 385 -11.84 -12.75 -17.86
N TRP A 386 -12.28 -11.65 -18.46
CA TRP A 386 -13.04 -11.66 -19.71
C TRP A 386 -12.39 -10.74 -20.73
N SER A 387 -11.05 -10.68 -20.70
CA SER A 387 -10.33 -9.76 -21.56
C SER A 387 -10.62 -10.01 -23.03
N ARG A 388 -10.90 -11.25 -23.41
CA ARG A 388 -11.22 -11.55 -24.80
C ARG A 388 -12.70 -11.40 -25.09
N GLU A 389 -13.56 -11.87 -24.19
CA GLU A 389 -14.99 -11.77 -24.41
C GLU A 389 -15.50 -10.34 -24.37
N CYS A 390 -14.72 -9.40 -23.84
CA CYS A 390 -15.12 -8.01 -23.92
C CYS A 390 -14.81 -7.38 -25.27
N LEU A 391 -14.01 -8.06 -26.10
CA LEU A 391 -13.67 -7.57 -27.42
C LEU A 391 -14.60 -8.11 -28.51
N LYS A 392 -15.63 -8.87 -28.12
CA LYS A 392 -16.50 -9.53 -29.08
C LYS A 392 -17.96 -9.19 -28.84
N GLU A 393 -18.28 -8.45 -27.78
CA GLU A 393 -19.65 -8.11 -27.44
C GLU A 393 -19.80 -6.60 -27.48
N HIS A 394 -21.05 -6.14 -27.43
CA HIS A 394 -21.36 -4.73 -27.55
C HIS A 394 -21.39 -4.06 -26.18
N VAL A 395 -20.77 -2.88 -26.09
CA VAL A 395 -20.83 -2.09 -24.87
C VAL A 395 -22.27 -1.68 -24.61
N ILE A 396 -22.58 -1.46 -23.34
CA ILE A 396 -23.97 -1.17 -22.95
C ILE A 396 -24.42 0.16 -23.54
N SER A 397 -23.58 1.18 -23.47
CA SER A 397 -23.89 2.49 -24.04
C SER A 397 -22.65 3.02 -24.74
N ALA A 398 -22.73 3.17 -26.05
CA ALA A 398 -21.60 3.64 -26.83
C ALA A 398 -21.81 5.10 -27.21
N VAL A 399 -20.87 5.96 -26.84
CA VAL A 399 -20.89 7.32 -27.35
C VAL A 399 -20.23 7.35 -28.72
N SER A 400 -20.93 7.95 -29.68
CA SER A 400 -20.52 7.92 -31.08
C SER A 400 -19.57 9.08 -31.35
N LEU A 401 -18.40 8.76 -31.88
CA LEU A 401 -17.37 9.76 -32.19
C LEU A 401 -17.64 10.36 -33.56
N LEU A 402 -18.65 11.24 -33.62
CA LEU A 402 -18.96 11.94 -34.84
C LEU A 402 -17.85 12.91 -35.24
N ASP A 403 -17.26 13.59 -34.25
CA ASP A 403 -16.25 14.63 -34.50
C ASP A 403 -15.23 14.61 -33.37
N TRP A 404 -14.03 14.15 -33.69
CA TRP A 404 -12.91 14.18 -32.75
C TRP A 404 -11.66 14.56 -33.51
N ALA A 405 -10.54 14.57 -32.82
CA ALA A 405 -9.31 15.06 -33.43
C ALA A 405 -8.15 14.16 -33.03
N VAL A 406 -7.05 14.30 -33.75
CA VAL A 406 -5.81 13.61 -33.46
C VAL A 406 -4.66 14.60 -33.59
N LEU A 407 -3.69 14.50 -32.70
CA LEU A 407 -2.48 15.31 -32.77
C LEU A 407 -1.29 14.36 -32.90
N PHE A 408 -0.29 14.77 -33.68
CA PHE A 408 0.82 13.90 -34.02
C PHE A 408 1.94 14.72 -34.64
N VAL A 409 3.03 14.04 -34.94
CA VAL A 409 4.21 14.68 -35.50
C VAL A 409 4.50 14.05 -36.86
N ARG A 410 5.35 14.73 -37.64
CA ARG A 410 5.80 14.18 -38.92
C ARG A 410 6.45 12.82 -38.74
N LYS A 411 7.24 12.65 -37.67
CA LYS A 411 7.94 11.39 -37.44
C LYS A 411 6.98 10.25 -37.22
N ASP A 412 5.76 10.52 -36.75
CA ASP A 412 4.80 9.49 -36.40
C ASP A 412 3.49 9.67 -37.16
N GLN A 413 3.52 10.43 -38.25
CA GLN A 413 2.31 10.66 -39.02
C GLN A 413 1.74 9.37 -39.59
N GLY A 414 2.59 8.53 -40.19
CA GLY A 414 2.10 7.31 -40.81
C GLY A 414 1.52 6.32 -39.80
N LYS A 415 2.23 6.10 -38.70
CA LYS A 415 1.75 5.18 -37.68
C LYS A 415 0.44 5.66 -37.08
N ALA A 416 0.32 6.96 -36.79
CA ALA A 416 -0.93 7.48 -36.28
C ALA A 416 -2.05 7.33 -37.29
N THR A 417 -1.76 7.61 -38.57
CA THR A 417 -2.81 7.48 -39.58
C THR A 417 -3.32 6.06 -39.67
N ASP A 418 -2.41 5.08 -39.68
CA ASP A 418 -2.84 3.69 -39.70
C ASP A 418 -3.59 3.30 -38.43
N PHE A 419 -3.15 3.81 -37.28
CA PHE A 419 -3.86 3.56 -36.04
C PHE A 419 -5.30 4.01 -36.14
N VAL A 420 -5.53 5.23 -36.64
CA VAL A 420 -6.90 5.70 -36.81
C VAL A 420 -7.64 4.88 -37.85
N ASN A 421 -6.97 4.55 -38.96
CA ASN A 421 -7.64 3.82 -40.03
C ASN A 421 -8.17 2.48 -39.55
N MET A 422 -7.43 1.80 -38.68
CA MET A 422 -7.95 0.51 -38.26
C MET A 422 -8.67 0.59 -36.92
N LEU A 423 -8.50 1.69 -36.18
CA LEU A 423 -9.41 1.99 -35.09
C LEU A 423 -10.83 2.14 -35.59
N SER A 424 -10.98 2.72 -36.78
CA SER A 424 -12.28 2.71 -37.44
C SER A 424 -12.73 1.30 -37.78
N LYS A 425 -11.82 0.33 -37.81
CA LYS A 425 -12.15 -1.04 -38.15
C LYS A 425 -12.51 -1.90 -36.95
N VAL A 426 -12.08 -1.52 -35.75
CA VAL A 426 -12.31 -2.34 -34.56
C VAL A 426 -13.50 -1.87 -33.74
N CYS A 427 -13.87 -0.60 -33.81
CA CYS A 427 -15.01 -0.09 -33.07
C CYS A 427 -16.33 -0.71 -33.52
N PRO A 428 -16.64 -0.81 -34.81
CA PRO A 428 -17.94 -1.37 -35.23
C PRO A 428 -18.16 -2.77 -34.68
N PRO A 429 -17.13 -3.63 -34.59
CA PRO A 429 -17.33 -4.91 -33.89
C PRO A 429 -17.87 -4.75 -32.48
N ILE A 430 -17.18 -3.95 -31.65
CA ILE A 430 -17.49 -3.90 -30.23
C ILE A 430 -18.72 -3.09 -29.90
N GLY A 431 -19.42 -2.55 -30.89
CA GLY A 431 -20.62 -1.79 -30.67
C GLY A 431 -20.45 -0.29 -30.68
N MET A 432 -19.22 0.21 -30.76
CA MET A 432 -19.01 1.64 -30.88
C MET A 432 -19.28 2.07 -32.33
N GLU A 433 -19.16 3.36 -32.58
CA GLU A 433 -19.33 3.88 -33.93
C GLU A 433 -18.49 5.15 -34.04
N VAL A 434 -17.42 5.09 -34.83
CA VAL A 434 -16.47 6.19 -34.95
C VAL A 434 -16.45 6.64 -36.40
N HIS A 435 -16.10 7.90 -36.62
CA HIS A 435 -15.95 8.46 -37.96
C HIS A 435 -14.58 9.11 -38.09
N GLU A 436 -14.30 9.58 -39.29
CA GLU A 436 -12.99 10.15 -39.57
C GLU A 436 -12.74 11.38 -38.71
N PRO A 437 -11.62 11.45 -37.99
CA PRO A 437 -11.35 12.59 -37.13
C PRO A 437 -10.65 13.72 -37.88
N LYS A 438 -10.66 14.89 -37.26
CA LYS A 438 -10.00 16.06 -37.81
C LYS A 438 -8.51 15.86 -37.60
N MET A 439 -7.89 15.17 -38.55
CA MET A 439 -6.50 14.73 -38.42
C MET A 439 -5.62 15.98 -38.48
N VAL A 440 -5.13 16.41 -37.32
CA VAL A 440 -4.40 17.66 -37.20
C VAL A 440 -2.95 17.37 -36.85
N GLU A 441 -2.03 17.97 -37.60
CA GLU A 441 -0.60 17.79 -37.39
C GLU A 441 -0.04 19.00 -36.64
N VAL A 442 0.53 18.75 -35.46
CA VAL A 442 1.21 19.83 -34.77
C VAL A 442 2.49 20.18 -35.50
N VAL A 443 3.04 21.36 -35.20
CA VAL A 443 4.26 21.82 -35.87
C VAL A 443 5.42 20.89 -35.55
N ASN A 444 5.79 20.80 -34.28
CA ASN A 444 6.81 19.87 -33.83
C ASN A 444 6.51 19.49 -32.38
N ASP A 445 7.51 18.93 -31.71
CA ASP A 445 7.35 18.34 -30.40
C ASP A 445 7.47 19.35 -29.26
N ARG A 446 7.75 20.62 -29.54
CA ARG A 446 7.82 21.59 -28.46
C ARG A 446 6.44 21.75 -27.82
N THR A 447 6.41 21.91 -26.50
CA THR A 447 5.14 21.94 -25.79
C THR A 447 4.25 23.10 -26.20
N GLU A 448 4.82 24.28 -26.44
CA GLU A 448 4.01 25.42 -26.86
C GLU A 448 3.26 25.14 -28.16
N SER A 449 3.86 24.37 -29.06
CA SER A 449 3.15 24.01 -30.30
C SER A 449 1.88 23.24 -29.99
N TYR A 450 1.97 22.23 -29.13
CA TYR A 450 0.78 21.50 -28.71
C TYR A 450 -0.22 22.41 -28.01
N LEU A 451 0.25 23.29 -27.14
CA LEU A 451 -0.64 24.19 -26.43
C LEU A 451 -1.42 25.05 -27.40
N ARG A 452 -0.73 25.70 -28.33
CA ARG A 452 -1.39 26.53 -29.32
C ARG A 452 -2.34 25.74 -30.20
N ALA A 453 -1.94 24.54 -30.64
CA ALA A 453 -2.81 23.74 -31.49
C ALA A 453 -4.09 23.35 -30.75
N LEU A 454 -3.99 22.98 -29.48
CA LEU A 454 -5.18 22.72 -28.71
C LEU A 454 -6.04 23.96 -28.57
N ARG A 455 -5.43 25.10 -28.23
CA ARG A 455 -6.19 26.31 -27.98
C ARG A 455 -6.93 26.81 -29.21
N GLU A 456 -6.38 26.59 -30.40
CA GLU A 456 -7.08 26.99 -31.62
C GLU A 456 -8.04 25.91 -32.11
N LEU A 457 -8.15 24.80 -31.38
CA LEU A 457 -8.94 23.67 -31.84
C LEU A 457 -10.18 23.43 -30.99
N ILE A 458 -10.09 23.75 -29.69
CA ILE A 458 -11.17 23.42 -28.78
C ILE A 458 -12.43 24.20 -29.15
N ALA A 459 -13.55 23.49 -29.25
CA ALA A 459 -14.86 24.06 -29.52
C ALA A 459 -15.91 23.21 -28.83
N PRO A 460 -17.07 23.80 -28.52
CA PRO A 460 -18.15 22.97 -27.96
C PRO A 460 -18.57 21.83 -28.86
N ARG A 461 -18.56 22.06 -30.18
CA ARG A 461 -18.86 21.01 -31.16
C ARG A 461 -17.60 20.16 -31.34
N LEU A 462 -17.39 19.29 -30.35
CA LEU A 462 -16.24 18.41 -30.29
C LEU A 462 -16.54 17.30 -29.30
N GLN A 463 -15.87 16.17 -29.47
CA GLN A 463 -16.05 15.02 -28.57
C GLN A 463 -14.79 14.72 -27.77
N MET A 464 -13.66 14.49 -28.44
CA MET A 464 -12.44 14.05 -27.77
C MET A 464 -11.25 14.46 -28.61
N VAL A 465 -10.17 14.85 -27.96
CA VAL A 465 -8.91 15.17 -28.62
C VAL A 465 -7.90 14.10 -28.23
N VAL A 466 -7.47 13.31 -29.22
CA VAL A 466 -6.62 12.15 -28.97
C VAL A 466 -5.20 12.54 -29.39
N ILE A 467 -4.32 12.65 -28.42
CA ILE A 467 -2.98 13.18 -28.69
C ILE A 467 -1.99 12.04 -28.77
N VAL A 468 -0.98 12.20 -29.62
CA VAL A 468 0.08 11.21 -29.79
C VAL A 468 1.41 11.91 -29.61
N PHE A 469 2.19 11.44 -28.67
CA PHE A 469 3.50 11.95 -28.31
C PHE A 469 4.61 11.08 -28.88
N PRO A 470 5.72 11.70 -29.30
CA PRO A 470 6.87 10.89 -29.73
C PRO A 470 7.53 10.16 -28.58
N THR A 471 7.80 10.86 -27.48
CA THR A 471 8.52 10.27 -26.36
C THR A 471 7.87 10.72 -25.06
N SER A 472 7.98 9.88 -24.04
CA SER A 472 7.34 10.12 -22.75
C SER A 472 8.10 11.20 -22.00
N ARG A 473 7.38 12.19 -21.48
CA ARG A 473 7.99 13.27 -20.71
C ARG A 473 6.89 13.98 -19.93
N ASP A 474 7.03 14.01 -18.61
CA ASP A 474 5.99 14.56 -17.74
C ASP A 474 5.82 16.06 -17.89
N ASP A 475 6.83 16.77 -18.38
CA ASP A 475 6.67 18.21 -18.57
C ASP A 475 5.56 18.51 -19.56
N ARG A 476 5.73 18.05 -20.80
CA ARG A 476 4.72 18.26 -21.82
C ARG A 476 3.41 17.57 -21.48
N TYR A 477 3.47 16.37 -20.91
CA TYR A 477 2.25 15.67 -20.54
C TYR A 477 1.43 16.45 -19.53
N SER A 478 2.07 16.98 -18.49
CA SER A 478 1.34 17.76 -17.51
C SER A 478 0.85 19.07 -18.10
N ALA A 479 1.70 19.76 -18.88
CA ALA A 479 1.27 21.03 -19.46
C ALA A 479 0.12 20.84 -20.43
N VAL A 480 -0.02 19.64 -21.00
CA VAL A 480 -1.13 19.37 -21.90
C VAL A 480 -2.37 18.96 -21.13
N LYS A 481 -2.22 18.09 -20.13
CA LYS A 481 -3.37 17.63 -19.38
C LYS A 481 -3.96 18.74 -18.52
N LYS A 482 -3.18 19.74 -18.12
CA LYS A 482 -3.77 20.91 -17.49
C LYS A 482 -4.78 21.58 -18.42
N LEU A 483 -4.37 21.83 -19.66
CA LEU A 483 -5.26 22.48 -20.61
C LEU A 483 -6.47 21.60 -20.93
N CYS A 484 -6.25 20.30 -21.06
CA CYS A 484 -7.34 19.39 -21.40
C CYS A 484 -8.18 18.99 -20.19
N CYS A 485 -7.85 19.46 -18.99
CA CYS A 485 -8.63 19.11 -17.82
C CYS A 485 -8.96 20.28 -16.91
N ILE A 486 -8.41 21.46 -17.13
CA ILE A 486 -8.77 22.60 -16.29
C ILE A 486 -9.34 23.72 -17.14
N GLU A 487 -8.54 24.27 -18.04
CA GLU A 487 -8.98 25.43 -18.81
C GLU A 487 -10.08 25.05 -19.79
N SER A 488 -9.79 24.10 -20.69
CA SER A 488 -10.79 23.65 -21.64
C SER A 488 -11.23 22.25 -21.24
N PRO A 489 -12.44 22.08 -20.71
CA PRO A 489 -12.84 20.74 -20.27
C PRO A 489 -13.16 19.83 -21.43
N ILE A 490 -12.13 19.39 -22.15
CA ILE A 490 -12.26 18.44 -23.24
C ILE A 490 -11.57 17.15 -22.84
N PRO A 491 -12.27 16.03 -22.71
CA PRO A 491 -11.62 14.78 -22.30
C PRO A 491 -10.67 14.30 -23.38
N SER A 492 -9.39 14.14 -23.00
CA SER A 492 -8.36 13.81 -23.97
C SER A 492 -7.94 12.34 -23.82
N GLN A 493 -6.95 11.96 -24.61
CA GLN A 493 -6.43 10.60 -24.58
C GLN A 493 -5.02 10.64 -25.14
N VAL A 494 -4.03 10.48 -24.29
CA VAL A 494 -2.63 10.55 -24.71
C VAL A 494 -2.17 9.16 -25.10
N LEU A 495 -1.55 9.06 -26.27
CA LEU A 495 -0.91 7.84 -26.72
C LEU A 495 0.56 8.13 -26.95
N ILE A 496 1.41 7.16 -26.65
CA ILE A 496 2.83 7.33 -26.89
C ILE A 496 3.19 6.53 -28.14
N ALA A 497 4.21 7.02 -28.86
CA ALA A 497 4.52 6.47 -30.18
C ALA A 497 4.91 5.00 -30.11
N ARG A 498 5.68 4.61 -29.09
CA ARG A 498 6.16 3.23 -29.01
C ARG A 498 5.02 2.23 -28.92
N THR A 499 3.84 2.66 -28.50
CA THR A 499 2.73 1.73 -28.32
C THR A 499 2.04 1.44 -29.65
N ILE A 500 2.25 2.31 -30.63
CA ILE A 500 1.70 2.02 -31.99
C ILE A 500 2.77 1.19 -32.68
N THR A 501 3.00 -0.03 -32.19
CA THR A 501 4.12 -0.85 -32.74
C THR A 501 3.91 -1.06 -34.24
N GLN A 502 2.65 -1.27 -34.67
CA GLN A 502 2.32 -1.46 -36.10
C GLN A 502 2.83 -2.84 -36.54
N GLN A 503 3.16 -3.70 -35.56
CA GLN A 503 3.61 -5.08 -35.89
C GLN A 503 2.65 -6.07 -35.20
N GLN A 504 2.46 -5.95 -33.88
CA GLN A 504 1.48 -6.82 -33.23
C GLN A 504 0.60 -6.06 -32.27
N LYS A 505 1.20 -5.23 -31.42
CA LYS A 505 0.44 -4.43 -30.46
C LYS A 505 -0.19 -3.24 -31.19
N LEU A 506 -1.00 -3.56 -32.17
CA LEU A 506 -1.84 -2.50 -32.71
C LEU A 506 -3.31 -2.87 -32.67
N ARG A 507 -3.66 -4.12 -32.98
CA ARG A 507 -5.05 -4.54 -32.84
C ARG A 507 -5.49 -4.49 -31.38
N SER A 508 -4.70 -5.09 -30.50
CA SER A 508 -5.05 -5.06 -29.09
C SER A 508 -4.95 -3.67 -28.51
N VAL A 509 -3.98 -2.87 -28.94
CA VAL A 509 -3.88 -1.50 -28.45
C VAL A 509 -5.09 -0.69 -28.89
N ALA A 510 -5.51 -0.84 -30.14
CA ALA A 510 -6.72 -0.15 -30.59
C ALA A 510 -7.95 -0.63 -29.86
N GLN A 511 -8.08 -1.93 -29.60
CA GLN A 511 -9.22 -2.44 -28.84
C GLN A 511 -9.17 -2.06 -27.37
N LYS A 512 -8.00 -1.72 -26.85
CA LYS A 512 -7.87 -1.24 -25.48
C LYS A 512 -8.02 0.26 -25.36
N VAL A 513 -7.78 0.99 -26.44
CA VAL A 513 -7.99 2.44 -26.43
C VAL A 513 -9.40 2.80 -26.81
N ALA A 514 -10.05 2.03 -27.69
CA ALA A 514 -11.45 2.32 -28.01
C ALA A 514 -12.33 2.16 -26.79
N LEU A 515 -12.13 1.11 -26.00
CA LEU A 515 -12.91 0.93 -24.79
C LEU A 515 -12.63 1.99 -23.76
N GLN A 516 -11.40 2.52 -23.71
CA GLN A 516 -11.10 3.59 -22.77
C GLN A 516 -11.69 4.92 -23.22
N MET A 517 -11.59 5.22 -24.52
CA MET A 517 -12.21 6.43 -25.06
C MET A 517 -13.72 6.40 -24.92
N ASN A 518 -14.33 5.23 -25.01
CA ASN A 518 -15.77 5.15 -24.77
C ASN A 518 -16.12 5.55 -23.35
N ALA A 519 -15.34 5.09 -22.36
CA ALA A 519 -15.64 5.43 -20.98
C ALA A 519 -15.33 6.88 -20.66
N LYS A 520 -14.27 7.44 -21.27
CA LYS A 520 -14.01 8.85 -21.06
C LYS A 520 -15.11 9.76 -21.58
N LEU A 521 -16.00 9.23 -22.41
CA LEU A 521 -17.13 9.99 -22.93
C LEU A 521 -18.42 9.62 -22.22
N GLY A 522 -18.30 9.07 -21.01
CA GLY A 522 -19.49 8.74 -20.25
C GLY A 522 -20.34 7.66 -20.86
N GLY A 523 -19.72 6.67 -21.51
CA GLY A 523 -20.46 5.53 -21.99
C GLY A 523 -20.04 4.26 -21.26
N GLU A 524 -20.96 3.62 -20.56
CA GLU A 524 -20.61 2.45 -19.78
C GLU A 524 -20.44 1.22 -20.67
N LEU A 525 -19.47 0.39 -20.31
CA LEU A 525 -19.10 -0.76 -21.13
C LEU A 525 -19.81 -2.03 -20.69
N TRP A 526 -19.61 -2.45 -19.46
CA TRP A 526 -20.26 -3.64 -18.95
C TRP A 526 -20.83 -3.35 -17.57
N ALA A 527 -21.71 -4.25 -17.10
CA ALA A 527 -22.35 -4.07 -15.80
C ALA A 527 -22.61 -5.44 -15.20
N VAL A 528 -22.87 -5.44 -13.90
CA VAL A 528 -23.21 -6.66 -13.18
C VAL A 528 -24.48 -6.41 -12.38
N GLU A 529 -25.31 -7.44 -12.27
CA GLU A 529 -26.57 -7.32 -11.56
C GLU A 529 -26.31 -7.03 -10.09
N ILE A 530 -26.58 -5.79 -9.67
CA ILE A 530 -26.42 -5.41 -8.28
C ILE A 530 -27.80 -5.14 -7.69
N PRO A 531 -28.34 -6.05 -6.90
CA PRO A 531 -29.75 -5.97 -6.49
C PRO A 531 -30.03 -4.98 -5.37
N LEU A 532 -29.09 -4.12 -4.99
CA LEU A 532 -29.35 -3.12 -3.97
C LEU A 532 -29.99 -1.91 -4.66
N LYS A 533 -31.31 -1.81 -4.56
CA LYS A 533 -32.05 -0.77 -5.26
C LYS A 533 -31.86 0.58 -4.58
N SER A 534 -31.49 1.59 -5.38
CA SER A 534 -31.42 2.97 -4.93
C SER A 534 -30.47 3.12 -3.74
N CYS A 535 -29.20 2.83 -3.98
CA CYS A 535 -28.16 3.06 -2.99
C CYS A 535 -26.93 3.62 -3.68
N MET A 536 -26.57 4.86 -3.34
CA MET A 536 -25.33 5.43 -3.81
C MET A 536 -24.16 4.63 -3.24
N VAL A 537 -23.06 4.61 -3.98
CA VAL A 537 -21.81 4.04 -3.50
C VAL A 537 -20.68 5.03 -3.71
N VAL A 538 -19.94 5.32 -2.65
CA VAL A 538 -18.88 6.32 -2.67
C VAL A 538 -17.56 5.60 -2.47
N GLY A 539 -16.51 6.16 -3.05
CA GLY A 539 -15.19 5.62 -2.86
C GLY A 539 -14.16 6.70 -2.71
N ILE A 540 -13.31 6.60 -1.70
CA ILE A 540 -12.38 7.66 -1.35
C ILE A 540 -11.00 7.07 -1.19
N ASP A 541 -10.00 7.75 -1.75
CA ASP A 541 -8.60 7.37 -1.58
C ASP A 541 -7.77 8.64 -1.70
N VAL A 542 -6.54 8.57 -1.19
CA VAL A 542 -5.72 9.76 -1.04
C VAL A 542 -4.37 9.50 -1.67
N TYR A 543 -3.60 10.55 -1.91
CA TYR A 543 -2.29 10.43 -2.56
C TYR A 543 -1.29 11.23 -1.74
N HIS A 544 -0.38 10.52 -1.07
CA HIS A 544 0.59 11.15 -0.18
C HIS A 544 1.72 11.79 -0.99
N ASP A 545 1.83 13.11 -0.89
CA ASP A 545 2.92 13.86 -1.50
C ASP A 545 3.74 14.53 -0.42
N LYS A 546 5.06 14.51 -0.57
CA LYS A 546 5.97 15.05 0.42
C LYS A 546 6.62 16.36 0.02
N SER A 547 6.64 16.68 -1.28
CA SER A 547 7.32 17.87 -1.78
C SER A 547 6.37 19.06 -1.92
N TYR A 548 5.29 18.89 -2.67
CA TYR A 548 4.37 19.99 -2.97
C TYR A 548 3.44 20.18 -1.77
N GLY A 549 3.94 20.90 -0.76
CA GLY A 549 3.13 21.34 0.36
C GLY A 549 2.54 20.26 1.23
N ASN A 550 2.70 18.98 0.88
CA ASN A 550 2.05 17.88 1.56
C ASN A 550 0.54 18.11 1.64
N LYS A 551 -0.04 18.50 0.50
CA LYS A 551 -1.47 18.79 0.44
C LYS A 551 -2.32 17.54 0.58
N SER A 552 -1.78 16.37 0.22
CA SER A 552 -2.48 15.10 0.38
C SER A 552 -3.81 15.14 -0.39
N ILE A 553 -3.68 15.22 -1.71
CA ILE A 553 -4.85 15.16 -2.59
C ILE A 553 -5.63 13.89 -2.31
N ALA A 554 -6.94 14.04 -2.16
CA ALA A 554 -7.83 12.90 -1.94
C ALA A 554 -8.94 12.94 -2.98
N GLY A 555 -9.11 11.84 -3.69
CA GLY A 555 -10.18 11.74 -4.65
C GLY A 555 -11.51 11.41 -3.99
N PHE A 556 -12.58 11.56 -4.77
CA PHE A 556 -13.92 11.32 -4.25
C PHE A 556 -14.80 10.93 -5.43
N VAL A 557 -15.16 9.65 -5.52
CA VAL A 557 -15.93 9.12 -6.63
C VAL A 557 -17.19 8.46 -6.09
N ALA A 558 -18.32 8.75 -6.71
CA ALA A 558 -19.59 8.17 -6.30
C ALA A 558 -20.42 7.83 -7.54
N SER A 559 -21.26 6.82 -7.41
CA SER A 559 -22.08 6.43 -8.54
C SER A 559 -23.21 7.43 -8.74
N THR A 560 -23.81 7.39 -9.94
CA THR A 560 -24.93 8.26 -10.26
C THR A 560 -26.00 7.54 -11.07
N ASN A 561 -26.17 6.24 -10.87
CA ASN A 561 -27.22 5.49 -11.53
C ASN A 561 -27.44 4.19 -10.78
N PRO A 562 -28.67 3.65 -10.78
CA PRO A 562 -28.94 2.43 -10.00
C PRO A 562 -28.22 1.19 -10.49
N SER A 563 -27.46 1.26 -11.58
CA SER A 563 -26.71 0.11 -12.06
C SER A 563 -25.21 0.26 -11.83
N PHE A 564 -24.78 1.35 -11.20
CA PHE A 564 -23.38 1.57 -10.85
C PHE A 564 -22.48 1.50 -12.08
N THR A 565 -22.78 2.35 -13.05
CA THR A 565 -22.00 2.41 -14.27
C THR A 565 -21.55 3.82 -14.63
N ARG A 566 -22.07 4.84 -13.97
CA ARG A 566 -21.67 6.22 -14.23
C ARG A 566 -21.28 6.87 -12.91
N TRP A 567 -20.08 7.46 -12.87
CA TRP A 567 -19.48 7.90 -11.62
C TRP A 567 -19.27 9.39 -11.64
N TYR A 568 -19.89 10.09 -10.70
CA TYR A 568 -19.60 11.49 -10.47
C TYR A 568 -18.35 11.58 -9.59
N SER A 569 -17.30 12.21 -10.12
CA SER A 569 -16.00 12.22 -9.47
C SER A 569 -15.59 13.66 -9.19
N ARG A 570 -15.47 14.01 -7.92
CA ARG A 570 -14.97 15.30 -7.49
C ARG A 570 -13.60 15.09 -6.85
N THR A 571 -13.01 16.17 -6.33
CA THR A 571 -11.70 16.10 -5.70
C THR A 571 -11.69 16.90 -4.40
N ALA A 572 -10.68 16.67 -3.58
CA ALA A 572 -10.58 17.27 -2.26
C ALA A 572 -9.22 17.93 -2.08
N MET A 573 -9.21 19.10 -1.45
CA MET A 573 -8.00 19.87 -1.20
C MET A 573 -8.01 20.46 0.20
N GLN A 574 -6.90 20.29 0.91
CA GLN A 574 -6.69 20.88 2.22
C GLN A 574 -5.23 20.67 2.61
N GLU A 575 -4.70 21.59 3.41
CA GLU A 575 -3.32 21.50 3.85
C GLU A 575 -3.21 20.81 5.21
N LEU A 580 -9.46 14.22 4.57
CA LEU A 580 -9.43 15.67 4.69
C LEU A 580 -10.71 16.17 5.35
N ILE A 581 -10.55 17.18 6.20
CA ILE A 581 -11.58 17.46 7.18
C ILE A 581 -12.83 18.03 6.51
N HIS A 582 -12.72 19.22 5.93
CA HIS A 582 -13.92 19.94 5.55
C HIS A 582 -14.37 19.68 4.11
N GLU A 583 -13.47 19.24 3.24
CA GLU A 583 -13.82 19.15 1.84
C GLU A 583 -14.57 17.88 1.48
N LEU A 584 -14.39 16.81 2.24
CA LEU A 584 -15.13 15.59 1.97
C LEU A 584 -16.62 15.74 2.23
N LYS A 585 -17.02 16.53 3.23
CA LYS A 585 -18.43 16.82 3.37
C LYS A 585 -18.99 17.62 2.19
N LEU A 586 -18.21 18.57 1.67
CA LEU A 586 -18.65 19.31 0.50
C LEU A 586 -18.79 18.40 -0.71
N CYS A 587 -17.83 17.51 -0.91
CA CYS A 587 -17.91 16.57 -2.03
C CYS A 587 -19.09 15.63 -1.86
N MET A 588 -19.35 15.15 -0.65
CA MET A 588 -20.51 14.30 -0.43
C MET A 588 -21.80 15.03 -0.75
N GLN A 589 -21.92 16.29 -0.32
CA GLN A 589 -23.12 17.05 -0.63
C GLN A 589 -23.28 17.27 -2.13
N ALA A 590 -22.19 17.62 -2.81
CA ALA A 590 -22.27 17.84 -4.25
C ALA A 590 -22.65 16.56 -4.99
N ALA A 591 -22.05 15.43 -4.60
CA ALA A 591 -22.38 14.16 -5.23
C ALA A 591 -23.82 13.76 -4.96
N LEU A 592 -24.31 14.02 -3.75
CA LEU A 592 -25.72 13.76 -3.47
C LEU A 592 -26.62 14.60 -4.37
N LYS A 593 -26.28 15.88 -4.54
CA LYS A 593 -27.06 16.72 -5.45
C LYS A 593 -27.04 16.16 -6.87
N LYS A 594 -25.85 15.74 -7.33
CA LYS A 594 -25.73 15.21 -8.69
C LYS A 594 -26.57 13.95 -8.87
N TYR A 595 -26.50 13.05 -7.91
CA TYR A 595 -27.35 11.86 -7.97
C TYR A 595 -28.82 12.25 -7.99
N ASN A 596 -29.18 13.29 -7.24
CA ASN A 596 -30.57 13.75 -7.26
C ASN A 596 -30.98 14.25 -8.63
N GLU A 597 -30.09 14.99 -9.31
CA GLU A 597 -30.46 15.55 -10.61
C GLU A 597 -30.75 14.46 -11.64
N MET A 598 -29.88 13.43 -11.70
CA MET A 598 -30.09 12.35 -12.65
C MET A 598 -31.31 11.50 -12.33
N ASN A 599 -31.54 11.18 -11.06
CA ASN A 599 -32.57 10.23 -10.70
C ASN A 599 -33.76 10.85 -9.98
N GLN A 600 -33.88 12.18 -9.96
CA GLN A 600 -35.01 12.92 -9.38
C GLN A 600 -35.42 12.35 -8.01
N SER A 601 -34.44 11.84 -7.27
CA SER A 601 -34.70 11.22 -5.98
C SER A 601 -33.49 11.45 -5.10
N LEU A 602 -33.40 10.69 -4.00
CA LEU A 602 -32.24 10.74 -3.13
C LEU A 602 -31.96 9.33 -2.62
N PRO A 603 -30.69 8.94 -2.54
CA PRO A 603 -30.36 7.56 -2.18
C PRO A 603 -30.78 7.22 -0.76
N GLU A 604 -31.18 5.97 -0.57
CA GLU A 604 -31.57 5.50 0.76
C GLU A 604 -30.37 4.97 1.55
N ARG A 605 -29.35 4.48 0.84
CA ARG A 605 -28.13 3.97 1.46
C ARG A 605 -26.94 4.69 0.85
N ILE A 606 -25.88 4.82 1.64
CA ILE A 606 -24.64 5.43 1.17
C ILE A 606 -23.50 4.60 1.70
N ILE A 607 -22.97 3.71 0.87
CA ILE A 607 -21.79 2.92 1.23
C ILE A 607 -20.56 3.72 0.86
N VAL A 608 -19.67 3.91 1.81
CA VAL A 608 -18.50 4.78 1.62
C VAL A 608 -17.27 3.91 1.82
N PHE A 609 -16.74 3.38 0.73
CA PHE A 609 -15.57 2.52 0.81
C PHE A 609 -14.34 3.39 0.99
N ARG A 610 -14.14 3.87 2.20
CA ARG A 610 -12.98 4.71 2.49
C ARG A 610 -11.71 3.89 2.40
N ASP A 611 -10.73 4.41 1.69
CA ASP A 611 -9.43 3.78 1.57
C ASP A 611 -8.35 4.80 1.94
N GLY A 612 -7.10 4.41 1.75
CA GLY A 612 -6.02 5.32 2.03
C GLY A 612 -5.83 5.62 3.51
N VAL A 613 -6.41 4.81 4.37
CA VAL A 613 -6.19 4.97 5.81
C VAL A 613 -4.75 4.59 6.12
N GLY A 614 -4.16 5.29 7.07
CA GLY A 614 -2.86 4.87 7.57
C GLY A 614 -2.97 3.56 8.33
N GLU A 615 -1.81 2.95 8.56
CA GLU A 615 -1.79 1.67 9.24
C GLU A 615 -2.28 1.76 10.68
N GLY A 616 -2.19 2.93 11.30
CA GLY A 616 -2.53 3.05 12.71
C GLY A 616 -3.79 3.84 13.00
N ARG A 617 -4.24 4.64 12.04
CA ARG A 617 -5.43 5.47 12.22
C ARG A 617 -6.71 4.75 11.81
N GLU A 618 -6.74 3.42 11.86
CA GLU A 618 -7.92 2.66 11.44
C GLU A 618 -9.13 2.95 12.30
N GLU A 619 -8.94 3.51 13.49
CA GLU A 619 -10.03 3.99 14.33
C GLU A 619 -10.27 5.48 14.20
N TYR A 620 -9.29 6.23 13.68
CA TYR A 620 -9.43 7.68 13.56
C TYR A 620 -10.62 8.07 12.70
N VAL A 621 -10.82 7.36 11.59
CA VAL A 621 -11.97 7.68 10.74
C VAL A 621 -13.27 7.40 11.46
N SER A 622 -13.32 6.34 12.27
CA SER A 622 -14.55 5.95 12.95
C SER A 622 -15.01 6.96 13.99
N GLU A 623 -14.29 8.05 14.18
CA GLU A 623 -14.66 9.08 15.14
C GLU A 623 -14.71 10.47 14.57
N PHE A 624 -14.03 10.75 13.47
CA PHE A 624 -13.88 12.12 12.99
C PHE A 624 -14.64 12.38 11.70
N GLU A 625 -14.48 11.55 10.67
CA GLU A 625 -15.11 11.84 9.39
C GLU A 625 -16.51 11.25 9.26
N VAL A 626 -16.80 10.15 9.93
CA VAL A 626 -18.16 9.61 9.93
C VAL A 626 -19.13 10.63 10.54
N PRO A 627 -18.81 11.28 11.66
CA PRO A 627 -19.67 12.38 12.12
C PRO A 627 -19.80 13.50 11.12
N GLN A 628 -18.75 13.83 10.37
CA GLN A 628 -18.87 14.86 9.35
C GLN A 628 -19.81 14.44 8.23
N PHE A 629 -19.76 13.17 7.83
CA PHE A 629 -20.65 12.67 6.80
C PHE A 629 -22.10 12.66 7.28
N ASN A 630 -22.32 12.33 8.55
CA ASN A 630 -23.67 12.41 9.08
C ASN A 630 -24.14 13.86 9.20
N SER A 631 -23.23 14.80 9.47
CA SER A 631 -23.61 16.19 9.61
C SER A 631 -23.93 16.85 8.27
N CYS A 632 -23.13 16.59 7.24
CA CYS A 632 -23.28 17.26 5.96
C CYS A 632 -24.60 16.94 5.28
N PHE A 633 -25.30 15.90 5.71
CA PHE A 633 -26.62 15.57 5.17
C PHE A 633 -27.67 16.62 5.51
N SER A 634 -27.36 17.54 6.42
CA SER A 634 -28.35 18.50 6.91
C SER A 634 -28.64 19.63 5.94
N ILE A 635 -27.83 19.78 4.88
CA ILE A 635 -28.00 20.93 4.00
C ILE A 635 -29.36 20.88 3.31
N PHE A 636 -29.78 19.70 2.88
CA PHE A 636 -31.08 19.53 2.25
C PHE A 636 -31.85 18.41 2.95
N GLY A 637 -32.98 18.04 2.35
CA GLY A 637 -33.73 16.89 2.81
C GLY A 637 -34.62 17.18 3.99
N GLU A 638 -35.82 16.58 3.99
CA GLU A 638 -36.76 16.68 5.11
C GLU A 638 -36.22 15.80 6.24
N ASN A 639 -35.26 16.36 6.97
CA ASN A 639 -34.51 15.63 7.97
C ASN A 639 -34.02 14.30 7.39
N TYR A 640 -33.15 14.44 6.38
CA TYR A 640 -32.77 13.33 5.53
C TYR A 640 -31.87 12.36 6.28
N CYS A 641 -32.19 11.07 6.21
CA CYS A 641 -31.56 10.02 7.02
C CYS A 641 -30.99 8.94 6.12
N PRO A 642 -29.78 9.12 5.60
CA PRO A 642 -29.17 8.06 4.80
C PRO A 642 -28.65 6.92 5.67
N LYS A 643 -29.01 5.70 5.29
CA LYS A 643 -28.52 4.52 6.00
C LYS A 643 -27.06 4.33 5.59
N LEU A 644 -26.14 4.82 6.41
CA LEU A 644 -24.73 4.88 6.05
C LEU A 644 -24.03 3.56 6.32
N ALA A 645 -22.85 3.41 5.72
CA ALA A 645 -21.92 2.34 6.07
C ALA A 645 -20.55 2.75 5.57
N VAL A 646 -19.62 3.00 6.47
CA VAL A 646 -18.27 3.39 6.11
C VAL A 646 -17.37 2.18 6.26
N VAL A 647 -16.83 1.71 5.15
CA VAL A 647 -15.97 0.53 5.12
C VAL A 647 -14.56 0.99 4.84
N VAL A 648 -13.62 0.59 5.69
CA VAL A 648 -12.21 0.93 5.51
C VAL A 648 -11.55 -0.19 4.72
N VAL A 649 -10.91 0.16 3.62
CA VAL A 649 -10.28 -0.81 2.74
C VAL A 649 -8.78 -0.71 2.91
N GLN A 650 -8.14 -1.85 3.19
CA GLN A 650 -6.71 -1.90 3.41
C GLN A 650 -6.08 -2.84 2.39
N LYS A 651 -5.02 -2.36 1.72
CA LYS A 651 -4.27 -3.16 0.76
C LYS A 651 -2.98 -3.70 1.36
N ARG A 652 -2.12 -2.79 1.84
CA ARG A 652 -0.80 -3.16 2.34
C ARG A 652 -0.94 -3.85 3.68
N ILE A 653 -1.31 -5.13 3.63
CA ILE A 653 -1.37 -5.95 4.84
C ILE A 653 -0.38 -7.10 4.69
N THR A 654 -0.27 -7.93 5.72
CA THR A 654 0.69 -9.03 5.69
C THR A 654 0.03 -10.40 5.77
N THR A 655 -1.29 -10.47 5.67
CA THR A 655 -1.96 -11.75 5.63
C THR A 655 -1.85 -12.35 4.24
N ARG A 656 -1.86 -13.67 4.16
CA ARG A 656 -1.87 -14.40 2.90
C ARG A 656 -2.80 -15.58 3.05
N ILE A 657 -3.89 -15.58 2.29
CA ILE A 657 -4.79 -16.73 2.28
C ILE A 657 -4.30 -17.68 1.19
N PHE A 658 -3.83 -18.85 1.59
CA PHE A 658 -3.54 -19.93 0.66
C PHE A 658 -4.73 -20.87 0.65
N GLY A 659 -5.38 -20.98 -0.49
CA GLY A 659 -6.28 -22.09 -0.69
C GLY A 659 -5.50 -23.37 -0.87
N ARG A 660 -6.14 -24.50 -0.60
CA ARG A 660 -5.44 -25.75 -0.77
C ARG A 660 -6.42 -26.87 -1.00
N SER A 661 -6.06 -27.79 -1.88
CA SER A 661 -6.75 -29.05 -2.07
C SER A 661 -5.69 -30.15 -2.13
N GLY A 662 -5.54 -30.88 -1.05
CA GLY A 662 -4.46 -31.86 -0.94
C GLY A 662 -3.37 -31.36 -0.02
N HIS A 663 -2.15 -31.21 -0.56
CA HIS A 663 -1.01 -30.81 0.25
C HIS A 663 -0.23 -29.67 -0.38
N SER A 664 -0.75 -29.05 -1.43
CA SER A 664 -0.06 -27.97 -2.12
C SER A 664 -0.83 -26.68 -1.89
N TYR A 665 -0.24 -25.78 -1.11
CA TYR A 665 -0.87 -24.49 -0.85
C TYR A 665 -0.65 -23.62 -2.09
N ASP A 666 -1.65 -23.58 -2.96
CA ASP A 666 -1.60 -22.77 -4.16
C ASP A 666 -2.36 -21.48 -3.92
N ASN A 667 -2.38 -20.62 -4.94
CA ASN A 667 -3.24 -19.45 -4.88
C ASN A 667 -4.69 -19.88 -4.88
N PRO A 668 -5.57 -19.11 -4.26
CA PRO A 668 -6.99 -19.41 -4.33
C PRO A 668 -7.64 -18.65 -5.48
N PRO A 669 -8.69 -19.21 -6.07
CA PRO A 669 -9.38 -18.49 -7.14
C PRO A 669 -9.98 -17.21 -6.61
N PRO A 670 -9.99 -16.15 -7.42
CA PRO A 670 -10.58 -14.88 -6.95
C PRO A 670 -12.03 -15.05 -6.56
N GLY A 671 -12.41 -14.37 -5.49
CA GLY A 671 -13.74 -14.55 -4.93
C GLY A 671 -13.76 -15.56 -3.82
N VAL A 672 -12.89 -15.36 -2.82
CA VAL A 672 -12.84 -16.20 -1.63
C VAL A 672 -12.86 -15.29 -0.42
N ILE A 673 -13.81 -15.54 0.48
CA ILE A 673 -14.06 -14.70 1.64
C ILE A 673 -13.66 -15.46 2.89
N VAL A 674 -12.89 -14.82 3.76
CA VAL A 674 -12.62 -15.33 5.10
C VAL A 674 -12.92 -14.20 6.08
N ASP A 675 -13.69 -14.51 7.12
CA ASP A 675 -14.08 -13.49 8.08
C ASP A 675 -14.09 -13.98 9.52
N HIS A 676 -13.58 -15.18 9.80
CA HIS A 676 -13.68 -15.76 11.13
C HIS A 676 -12.33 -16.30 11.58
N THR A 677 -12.08 -16.21 12.88
CA THR A 677 -10.86 -16.65 13.55
C THR A 677 -9.61 -15.98 12.99
N ILE A 678 -9.81 -14.95 12.17
CA ILE A 678 -8.67 -14.23 11.52
C ILE A 678 -8.97 -12.74 11.63
N THR A 679 -10.23 -12.38 11.89
CA THR A 679 -10.63 -10.95 11.96
C THR A 679 -11.50 -10.72 13.20
N LYS A 680 -11.52 -9.48 13.71
CA LYS A 680 -12.36 -9.13 14.89
C LYS A 680 -13.09 -7.82 14.58
N SER A 681 -14.17 -7.50 15.30
CA SER A 681 -14.97 -6.28 15.03
C SER A 681 -15.65 -6.28 13.65
N TYR A 682 -16.22 -7.40 13.23
CA TYR A 682 -17.02 -7.46 11.97
C TYR A 682 -16.27 -6.96 10.73
N ASP A 683 -15.07 -7.48 10.47
CA ASP A 683 -14.35 -7.12 9.22
C ASP A 683 -13.99 -8.41 8.48
N PHE A 684 -13.68 -8.34 7.18
CA PHE A 684 -13.45 -9.59 6.42
C PHE A 684 -12.28 -9.50 5.44
N TYR A 685 -11.70 -10.64 5.08
CA TYR A 685 -10.61 -10.67 4.06
C TYR A 685 -11.21 -11.20 2.76
N LEU A 686 -10.85 -10.61 1.62
CA LEU A 686 -11.40 -11.01 0.33
C LEU A 686 -10.30 -11.12 -0.69
N VAL A 687 -10.30 -12.23 -1.43
CA VAL A 687 -9.34 -12.48 -2.49
C VAL A 687 -10.04 -12.17 -3.81
N SER A 688 -9.77 -10.99 -4.35
CA SER A 688 -10.38 -10.58 -5.60
C SER A 688 -9.39 -10.47 -6.74
N GLN A 689 -8.15 -10.06 -6.47
CA GLN A 689 -7.14 -9.99 -7.51
C GLN A 689 -6.86 -11.37 -8.09
N HIS A 690 -6.23 -11.38 -9.25
CA HIS A 690 -5.63 -12.59 -9.78
C HIS A 690 -4.26 -12.25 -10.34
N VAL A 691 -3.28 -13.11 -10.05
CA VAL A 691 -1.91 -12.91 -10.51
C VAL A 691 -1.50 -14.11 -11.33
N ARG A 692 -0.38 -13.95 -12.03
CA ARG A 692 0.24 -15.04 -12.78
C ARG A 692 1.51 -15.55 -12.12
N GLN A 693 2.32 -14.67 -11.56
CA GLN A 693 3.48 -15.03 -10.77
C GLN A 693 3.35 -14.43 -9.38
N GLY A 694 3.41 -15.27 -8.37
CA GLY A 694 3.35 -14.80 -7.00
C GLY A 694 2.13 -15.33 -6.26
N THR A 695 1.93 -14.80 -5.07
CA THR A 695 0.79 -15.14 -4.23
C THR A 695 -0.14 -13.94 -4.15
N VAL A 696 -1.43 -14.17 -4.36
CA VAL A 696 -2.42 -13.11 -4.30
C VAL A 696 -2.47 -12.59 -2.87
N SER A 697 -2.59 -11.27 -2.73
CA SER A 697 -2.77 -10.68 -1.41
C SER A 697 -4.24 -10.41 -1.18
N PRO A 698 -4.90 -11.10 -0.27
CA PRO A 698 -6.29 -10.79 0.03
C PRO A 698 -6.41 -9.39 0.60
N THR A 699 -7.54 -8.77 0.34
CA THR A 699 -7.77 -7.38 0.74
C THR A 699 -8.64 -7.34 1.98
N TYR A 700 -8.34 -6.40 2.86
CA TYR A 700 -8.93 -6.33 4.20
C TYR A 700 -9.90 -5.15 4.25
N TYR A 701 -11.18 -5.44 4.38
CA TYR A 701 -12.21 -4.40 4.48
C TYR A 701 -12.70 -4.37 5.92
N ARG A 702 -12.60 -3.21 6.56
CA ARG A 702 -13.07 -3.03 7.92
C ARG A 702 -14.36 -2.22 7.91
N VAL A 703 -15.40 -2.75 8.56
CA VAL A 703 -16.71 -2.10 8.61
C VAL A 703 -16.73 -1.24 9.88
N ILE A 704 -16.26 0.00 9.76
CA ILE A 704 -16.13 0.87 10.93
C ILE A 704 -17.38 1.64 11.24
N TYR A 705 -18.46 1.45 10.49
CA TYR A 705 -19.73 2.11 10.77
C TYR A 705 -20.81 1.39 9.97
N ASP A 706 -21.82 0.87 10.64
CA ASP A 706 -22.83 0.06 9.95
C ASP A 706 -24.21 0.43 10.47
N LYS A 707 -24.85 1.39 9.81
CA LYS A 707 -26.25 1.71 10.05
C LYS A 707 -27.14 1.26 8.91
N SER A 708 -26.57 0.61 7.89
CA SER A 708 -27.26 0.38 6.64
C SER A 708 -28.30 -0.73 6.71
N GLY A 709 -28.39 -1.47 7.81
CA GLY A 709 -29.28 -2.60 7.85
C GLY A 709 -28.94 -3.70 6.89
N LEU A 710 -27.89 -3.54 6.09
CA LEU A 710 -27.43 -4.60 5.21
C LEU A 710 -26.92 -5.76 6.04
N LYS A 711 -27.43 -6.95 5.77
CA LYS A 711 -26.86 -8.13 6.40
C LYS A 711 -25.42 -8.27 5.95
N PRO A 712 -24.54 -8.82 6.79
CA PRO A 712 -23.12 -8.95 6.39
C PRO A 712 -22.95 -9.70 5.09
N ASP A 713 -23.78 -10.71 4.83
CA ASP A 713 -23.72 -11.43 3.56
C ASP A 713 -23.85 -10.48 2.38
N HIS A 714 -24.87 -9.63 2.40
CA HIS A 714 -25.10 -8.72 1.29
C HIS A 714 -23.97 -7.73 1.13
N LEU A 715 -23.42 -7.21 2.22
CA LEU A 715 -22.32 -6.25 2.08
C LEU A 715 -21.06 -6.92 1.56
N GLN A 716 -20.75 -8.13 2.01
CA GLN A 716 -19.61 -8.83 1.44
C GLN A 716 -19.78 -9.12 -0.03
N ARG A 717 -20.95 -9.62 -0.43
CA ARG A 717 -21.22 -9.86 -1.84
C ARG A 717 -21.13 -8.58 -2.66
N LEU A 718 -21.69 -7.48 -2.16
CA LEU A 718 -21.61 -6.21 -2.86
C LEU A 718 -20.17 -5.77 -3.02
N THR A 719 -19.38 -5.87 -1.96
CA THR A 719 -17.97 -5.52 -2.07
C THR A 719 -17.26 -6.42 -3.07
N TYR A 720 -17.74 -7.64 -3.27
CA TYR A 720 -17.21 -8.46 -4.34
C TYR A 720 -17.66 -8.02 -5.72
N LYS A 721 -18.93 -7.61 -5.88
CA LYS A 721 -19.39 -7.19 -7.19
C LYS A 721 -18.67 -5.94 -7.68
N LEU A 722 -18.54 -4.92 -6.82
CA LEU A 722 -17.86 -3.69 -7.21
C LEU A 722 -16.44 -3.91 -7.68
N THR A 723 -15.87 -5.09 -7.46
CA THR A 723 -14.52 -5.35 -7.92
C THR A 723 -14.43 -5.38 -9.44
N HIS A 724 -15.49 -5.83 -10.13
CA HIS A 724 -15.44 -5.98 -11.57
C HIS A 724 -15.52 -4.66 -12.32
N MET A 725 -16.01 -3.59 -11.69
CA MET A 725 -16.47 -2.40 -12.40
C MET A 725 -15.35 -1.42 -12.71
N TYR A 726 -14.11 -1.86 -12.79
CA TYR A 726 -13.03 -0.98 -13.19
C TYR A 726 -12.88 -1.04 -14.70
N TYR A 727 -13.11 0.09 -15.36
CA TYR A 727 -13.17 0.14 -16.81
C TYR A 727 -11.80 0.28 -17.46
N ASN A 728 -10.73 -0.07 -16.75
CA ASN A 728 -9.42 -0.09 -17.35
C ASN A 728 -8.79 -1.48 -17.32
N TRP A 729 -9.47 -2.46 -16.76
CA TRP A 729 -8.97 -3.81 -16.78
C TRP A 729 -10.14 -4.77 -16.72
N PRO A 730 -10.49 -5.42 -17.83
CA PRO A 730 -11.66 -6.31 -17.80
C PRO A 730 -11.37 -7.55 -16.98
N GLY A 731 -11.92 -7.61 -15.78
CA GLY A 731 -11.60 -8.63 -14.82
C GLY A 731 -11.44 -8.00 -13.44
N THR A 732 -11.57 -8.84 -12.42
CA THR A 732 -11.53 -8.36 -11.05
C THR A 732 -10.18 -7.73 -10.73
N ILE A 733 -10.19 -6.77 -9.82
CA ILE A 733 -8.99 -6.06 -9.41
C ILE A 733 -8.86 -6.11 -7.89
N ARG A 734 -7.87 -5.39 -7.36
CA ARG A 734 -7.59 -5.50 -5.93
C ARG A 734 -8.68 -4.84 -5.09
N THR A 735 -8.83 -3.52 -5.22
CA THR A 735 -9.82 -2.77 -4.48
C THR A 735 -11.08 -2.60 -5.30
N PRO A 736 -12.21 -2.24 -4.68
CA PRO A 736 -13.44 -2.05 -5.46
C PRO A 736 -13.31 -0.98 -6.53
N ALA A 737 -14.32 -0.86 -7.37
CA ALA A 737 -14.26 0.13 -8.45
C ALA A 737 -14.12 1.55 -7.94
N PRO A 738 -14.97 2.06 -7.05
CA PRO A 738 -14.82 3.45 -6.63
C PRO A 738 -13.50 3.75 -5.95
N CYS A 739 -12.97 2.83 -5.16
CA CYS A 739 -11.68 3.09 -4.52
C CYS A 739 -10.55 3.24 -5.52
N ASN A 740 -10.48 2.35 -6.51
CA ASN A 740 -9.42 2.44 -7.49
C ASN A 740 -9.63 3.61 -8.43
N TYR A 741 -10.88 3.93 -8.77
CA TYR A 741 -11.17 5.14 -9.51
C TYR A 741 -10.66 6.37 -8.77
N ALA A 742 -10.97 6.47 -7.49
CA ALA A 742 -10.52 7.60 -6.71
C ALA A 742 -9.00 7.64 -6.63
N HIS A 743 -8.36 6.47 -6.51
CA HIS A 743 -6.89 6.46 -6.49
C HIS A 743 -6.32 6.98 -7.79
N LYS A 744 -6.89 6.56 -8.92
CA LYS A 744 -6.43 7.04 -10.21
C LYS A 744 -6.62 8.54 -10.33
N LEU A 745 -7.77 9.05 -9.90
CA LEU A 745 -8.02 10.48 -9.95
C LEU A 745 -7.06 11.25 -9.07
N ALA A 746 -6.82 10.75 -7.85
CA ALA A 746 -5.90 11.41 -6.95
C ALA A 746 -4.49 11.44 -7.52
N PHE A 747 -4.04 10.32 -8.09
CA PHE A 747 -2.71 10.29 -8.69
C PHE A 747 -2.61 11.24 -9.86
N LEU A 748 -3.65 11.29 -10.71
CA LEU A 748 -3.64 12.23 -11.82
C LEU A 748 -3.54 13.67 -11.34
N VAL A 749 -4.33 14.03 -10.32
CA VAL A 749 -4.30 15.40 -9.82
C VAL A 749 -2.95 15.71 -9.21
N GLY A 750 -2.40 14.79 -8.42
CA GLY A 750 -1.16 15.09 -7.72
C GLY A 750 0.04 15.16 -8.62
N LYS A 751 0.18 14.19 -9.54
CA LYS A 751 1.39 14.07 -10.33
C LYS A 751 1.45 15.03 -11.51
N SER A 752 0.32 15.43 -12.06
CA SER A 752 0.36 16.28 -13.24
C SER A 752 -0.48 17.54 -13.13
N LEU A 753 -1.65 17.47 -12.51
CA LEU A 753 -2.56 18.61 -12.52
C LEU A 753 -2.19 19.64 -11.47
N HIS A 754 -2.16 19.24 -10.20
CA HIS A 754 -1.86 20.12 -9.08
C HIS A 754 -2.91 21.23 -8.95
N ARG A 755 -4.14 20.94 -9.37
CA ARG A 755 -5.28 21.82 -9.16
C ARG A 755 -6.53 20.97 -9.16
N ASP A 756 -7.67 21.64 -9.16
CA ASP A 756 -8.90 20.88 -9.29
C ASP A 756 -9.37 20.86 -10.74
N PRO A 757 -9.78 19.71 -11.25
CA PRO A 757 -10.27 19.63 -12.62
C PRO A 757 -11.56 20.42 -12.79
N ALA A 758 -11.83 20.89 -14.00
CA ALA A 758 -13.00 21.70 -14.24
C ALA A 758 -14.27 20.94 -13.89
N HIS A 759 -15.19 21.62 -13.22
CA HIS A 759 -16.39 20.96 -12.72
C HIS A 759 -17.30 20.45 -13.82
N GLU A 760 -17.09 20.88 -15.06
CA GLU A 760 -17.87 20.36 -16.17
C GLU A 760 -17.53 18.92 -16.48
N LEU A 761 -16.27 18.51 -16.24
CA LEU A 761 -15.82 17.17 -16.58
C LEU A 761 -16.30 16.13 -15.58
N SER A 762 -16.84 16.55 -14.45
CA SER A 762 -17.02 15.66 -13.31
C SER A 762 -17.92 14.47 -13.58
N ASP A 763 -19.01 14.65 -14.33
CA ASP A 763 -19.92 13.53 -14.55
C ASP A 763 -19.32 12.44 -15.43
N ARG A 764 -18.24 12.71 -16.14
CA ARG A 764 -17.57 11.72 -16.97
C ARG A 764 -16.36 11.16 -16.23
N LEU A 765 -15.91 9.99 -16.69
CA LEU A 765 -14.69 9.38 -16.18
C LEU A 765 -13.48 9.86 -16.97
N PHE A 766 -13.26 11.17 -16.92
CA PHE A 766 -12.18 11.78 -17.70
C PHE A 766 -10.80 11.26 -17.32
N PHE A 767 -10.70 10.41 -16.31
CA PHE A 767 -9.44 9.95 -15.76
C PHE A 767 -9.33 8.44 -15.94
N LEU A 768 -8.64 8.01 -16.98
CA LEU A 768 -8.42 6.58 -17.18
C LEU A 768 -7.17 6.35 -18.00
N1 OMC B 25 31.47 6.86 16.29
C2 OMC B 25 31.69 7.85 17.40
N3 OMC B 25 32.41 7.42 18.62
C4 OMC B 25 32.89 6.06 18.74
C5 OMC B 25 32.67 5.09 17.66
C6 OMC B 25 31.95 5.51 16.43
O2 OMC B 25 31.29 8.96 17.29
N4 OMC B 25 33.59 5.66 19.95
C1' OMC B 25 30.76 7.28 15.07
C2' OMC B 25 31.72 7.68 13.95
O2' OMC B 25 31.22 8.84 13.33
CM2 OMC B 25 31.36 10.00 14.14
C3' OMC B 25 31.65 6.48 13.01
C4' OMC B 25 30.23 5.99 13.21
O4' OMC B 25 29.98 6.20 14.61
O3' OMC B 25 31.94 6.80 11.67
C5' OMC B 25 29.98 4.54 12.86
O5' OMC B 25 30.76 3.68 13.69
P OMC B 25 30.69 2.10 13.50
OP1 OMC B 25 30.48 1.81 12.01
OP2 OMC B 25 31.89 1.47 14.25
MG MG C . -5.04 6.03 -18.74
MG MG D . -4.35 1.67 1.58
#